data_2EQ7
#
_entry.id   2EQ7
#
_cell.length_a   85.028
_cell.length_b   107.073
_cell.length_c   131.706
_cell.angle_alpha   90.00
_cell.angle_beta   90.00
_cell.angle_gamma   90.00
#
_symmetry.space_group_name_H-M   'P 21 21 21'
#
loop_
_entity.id
_entity.type
_entity.pdbx_description
1 polymer '2-oxoglutarate dehydrogenase E3 component'
2 polymer '2-oxoglutarate dehydrogenase E2 component'
3 non-polymer 'FLAVIN-ADENINE DINUCLEOTIDE'
4 non-polymer NICOTINAMIDE-ADENINE-DINUCLEOTIDE
5 water water
#
loop_
_entity_poly.entity_id
_entity_poly.type
_entity_poly.pdbx_seq_one_letter_code
_entity_poly.pdbx_strand_id
1 'polypeptide(L)'
;MYDLLVIGAGPGGYVAAIRAAQLGMKVGVVEKEKALGGTCLRVGCIPSKALLETTERIYEAKKGLLGAKVKGVELDLPAL
MAHKDKVVQANTQGVEFLFKKNGIARHQGTARFLSERKVLVEETGEELEARYILIATGSAPLIPPWAQVDYERVVTSTEA
LSFPEVPKRLIVVGGGVIGLELGVVWHRLGAEVIVLEYMDRILPTMDLEVSRAAERVFKKQGLTIRTGVRVTAVVPEAKG
ARVELEGGEVLEADRVLVAVGRRPYTEGLSLENAGLSTDERGRIPVDEHLRTRVPHIYAIGDVVRGPMLAHKASEEGIAA
VEHMVRGFGHVDYQAIPSVVYTHPEIAAVGYTEEELKAQGIPYKVGKFPYSASGRARAMGETEGFIKVLAHAKTDRILGV
HGIGARVGDVLAEAALALFFKASAEDLGRAPHAHPSLSEILKEAALAAWERPIHL
;
A,B
2 'polypeptide(L)' LAMPAAERLMQEKGVSPAEVQGTGLGGRILKEDVMRHLEE C
#
# COMPACT_ATOMS: atom_id res chain seq x y z
N MET A 1 -43.15 9.15 10.14
CA MET A 1 -42.31 8.83 8.95
C MET A 1 -40.83 9.04 9.22
N TYR A 2 -40.00 8.41 8.40
CA TYR A 2 -38.56 8.52 8.54
C TYR A 2 -38.08 9.87 7.98
N ASP A 3 -36.88 10.27 8.38
CA ASP A 3 -36.31 11.50 7.85
C ASP A 3 -35.73 11.07 6.50
N LEU A 4 -35.21 9.86 6.47
CA LEU A 4 -34.62 9.31 5.24
C LEU A 4 -34.99 7.84 5.06
N LEU A 5 -35.44 7.49 3.87
CA LEU A 5 -35.78 6.12 3.54
C LEU A 5 -34.79 5.73 2.45
N VAL A 6 -34.01 4.67 2.69
CA VAL A 6 -33.03 4.20 1.72
C VAL A 6 -33.51 2.89 1.10
N ILE A 7 -33.48 2.81 -0.22
CA ILE A 7 -33.89 1.59 -0.92
C ILE A 7 -32.62 0.93 -1.41
N GLY A 8 -32.28 -0.22 -0.83
CA GLY A 8 -31.08 -0.94 -1.19
C GLY A 8 -30.04 -0.82 -0.09
N ALA A 9 -29.43 -1.94 0.29
CA ALA A 9 -28.44 -1.93 1.36
C ALA A 9 -27.05 -2.36 0.90
N GLY A 10 -26.68 -1.93 -0.30
CA GLY A 10 -25.35 -2.22 -0.82
C GLY A 10 -24.43 -1.13 -0.31
N PRO A 11 -23.18 -1.07 -0.79
CA PRO A 11 -22.19 -0.06 -0.38
C PRO A 11 -22.75 1.36 -0.37
N GLY A 12 -23.57 1.66 -1.38
CA GLY A 12 -24.16 3.00 -1.45
C GLY A 12 -25.19 3.22 -0.36
N GLY A 13 -26.19 2.34 -0.31
CA GLY A 13 -27.24 2.48 0.68
C GLY A 13 -26.85 2.32 2.15
N TYR A 14 -26.05 1.31 2.48
CA TYR A 14 -25.72 1.14 3.89
C TYR A 14 -24.74 2.20 4.43
N VAL A 15 -23.88 2.74 3.58
CA VAL A 15 -22.96 3.78 4.05
C VAL A 15 -23.76 5.09 4.16
N ALA A 16 -24.66 5.32 3.21
CA ALA A 16 -25.48 6.52 3.25
C ALA A 16 -26.30 6.50 4.54
N ALA A 17 -26.85 5.34 4.87
CA ALA A 17 -27.67 5.18 6.07
C ALA A 17 -26.88 5.53 7.33
N ILE A 18 -25.68 4.97 7.44
CA ILE A 18 -24.84 5.25 8.60
C ILE A 18 -24.48 6.72 8.70
N ARG A 19 -24.07 7.33 7.59
CA ARG A 19 -23.71 8.75 7.61
C ARG A 19 -24.92 9.59 8.00
N ALA A 20 -26.08 9.24 7.45
CA ALA A 20 -27.31 9.97 7.76
C ALA A 20 -27.59 9.89 9.26
N ALA A 21 -27.41 8.70 9.83
CA ALA A 21 -27.64 8.50 11.26
C ALA A 21 -26.66 9.35 12.08
N GLN A 22 -25.42 9.45 11.61
CA GLN A 22 -24.40 10.25 12.31
C GLN A 22 -24.78 11.72 12.26
N LEU A 23 -25.57 12.09 11.27
CA LEU A 23 -26.00 13.47 11.11
C LEU A 23 -27.31 13.76 11.84
N GLY A 24 -27.83 12.77 12.56
CA GLY A 24 -29.05 12.96 13.32
C GLY A 24 -30.37 12.56 12.69
N MET A 25 -30.32 11.98 11.49
CA MET A 25 -31.55 11.56 10.81
C MET A 25 -32.01 10.20 11.33
N LYS A 26 -33.32 9.97 11.32
CA LYS A 26 -33.84 8.67 11.71
C LYS A 26 -34.02 7.99 10.35
N VAL A 27 -33.25 6.92 10.15
CA VAL A 27 -33.24 6.22 8.88
C VAL A 27 -33.91 4.86 8.84
N GLY A 28 -34.50 4.56 7.69
CA GLY A 28 -35.15 3.28 7.46
C GLY A 28 -34.54 2.77 6.17
N VAL A 29 -34.21 1.49 6.13
CA VAL A 29 -33.61 0.89 4.93
C VAL A 29 -34.40 -0.32 4.46
N VAL A 30 -34.75 -0.36 3.18
CA VAL A 30 -35.50 -1.48 2.62
C VAL A 30 -34.57 -2.28 1.72
N GLU A 31 -34.47 -3.57 1.98
CA GLU A 31 -33.62 -4.48 1.21
C GLU A 31 -34.38 -5.77 0.97
N LYS A 32 -34.43 -6.21 -0.29
CA LYS A 32 -35.16 -7.43 -0.63
C LYS A 32 -34.43 -8.72 -0.29
N GLU A 33 -33.10 -8.68 -0.26
CA GLU A 33 -32.33 -9.89 0.06
C GLU A 33 -32.26 -10.08 1.57
N LYS A 34 -32.11 -11.32 2.02
CA LYS A 34 -32.03 -11.63 3.44
C LYS A 34 -30.85 -10.94 4.13
N ALA A 35 -29.69 -10.97 3.48
CA ALA A 35 -28.50 -10.35 4.04
C ALA A 35 -28.24 -8.97 3.47
N LEU A 36 -27.65 -8.10 4.29
CA LEU A 36 -27.30 -6.74 3.89
C LEU A 36 -25.92 -6.77 3.22
N GLY A 37 -25.53 -5.68 2.57
CA GLY A 37 -24.22 -5.64 1.94
C GLY A 37 -24.26 -5.50 0.43
N GLY A 38 -25.41 -5.78 -0.16
CA GLY A 38 -25.57 -5.65 -1.61
C GLY A 38 -24.74 -6.59 -2.45
N THR A 39 -24.55 -6.21 -3.70
CA THR A 39 -23.77 -7.00 -4.65
C THR A 39 -22.35 -7.25 -4.15
N CYS A 40 -21.71 -6.16 -3.73
CA CYS A 40 -20.33 -6.21 -3.25
C CYS A 40 -20.07 -7.22 -2.15
N LEU A 41 -20.84 -7.15 -1.06
CA LEU A 41 -20.62 -8.07 0.04
C LEU A 41 -21.18 -9.48 -0.19
N ARG A 42 -22.35 -9.58 -0.81
CA ARG A 42 -22.97 -10.88 -1.06
C ARG A 42 -22.42 -11.70 -2.21
N VAL A 43 -22.18 -11.07 -3.35
CA VAL A 43 -21.72 -11.81 -4.52
C VAL A 43 -20.77 -11.03 -5.41
N GLY A 44 -20.06 -10.07 -4.81
CA GLY A 44 -19.16 -9.24 -5.59
C GLY A 44 -17.75 -9.13 -5.06
N CYS A 45 -17.40 -7.90 -4.67
CA CYS A 45 -16.07 -7.60 -4.16
C CYS A 45 -15.51 -8.57 -3.13
N ILE A 46 -16.27 -8.79 -2.06
CA ILE A 46 -15.81 -9.63 -0.97
C ILE A 46 -15.54 -11.09 -1.33
N PRO A 47 -16.54 -11.82 -1.85
CA PRO A 47 -16.22 -13.21 -2.19
C PRO A 47 -15.16 -13.34 -3.29
N SER A 48 -15.17 -12.42 -4.25
CA SER A 48 -14.19 -12.47 -5.32
C SER A 48 -12.78 -12.23 -4.77
N LYS A 49 -12.64 -11.25 -3.89
CA LYS A 49 -11.33 -10.97 -3.32
C LYS A 49 -10.85 -12.12 -2.42
N ALA A 50 -11.78 -12.80 -1.75
CA ALA A 50 -11.39 -13.92 -0.90
C ALA A 50 -10.80 -15.01 -1.79
N LEU A 51 -11.46 -15.29 -2.91
CA LEU A 51 -10.96 -16.31 -3.84
C LEU A 51 -9.66 -15.88 -4.51
N LEU A 52 -9.55 -14.61 -4.86
CA LEU A 52 -8.33 -14.14 -5.51
C LEU A 52 -7.11 -14.21 -4.58
N GLU A 53 -7.26 -13.76 -3.35
CA GLU A 53 -6.15 -13.77 -2.39
C GLU A 53 -5.66 -15.19 -2.12
N THR A 54 -6.60 -16.09 -1.83
CA THR A 54 -6.25 -17.46 -1.52
C THR A 54 -5.74 -18.27 -2.71
N THR A 55 -6.35 -18.13 -3.88
CA THR A 55 -5.88 -18.90 -5.03
C THR A 55 -4.49 -18.45 -5.47
N GLU A 56 -4.18 -17.16 -5.27
CA GLU A 56 -2.87 -16.66 -5.65
C GLU A 56 -1.77 -17.37 -4.85
N ARG A 57 -2.00 -17.57 -3.55
CA ARG A 57 -0.99 -18.25 -2.73
C ARG A 57 -0.84 -19.70 -3.15
N ILE A 58 -1.94 -20.35 -3.48
CA ILE A 58 -1.91 -21.74 -3.90
C ILE A 58 -1.15 -21.84 -5.22
N TYR A 59 -1.47 -20.94 -6.14
CA TYR A 59 -0.83 -20.92 -7.44
C TYR A 59 0.68 -20.75 -7.32
N GLU A 60 1.12 -19.80 -6.49
CA GLU A 60 2.55 -19.56 -6.31
C GLU A 60 3.24 -20.79 -5.72
N ALA A 61 2.56 -21.46 -4.79
CA ALA A 61 3.13 -22.66 -4.18
C ALA A 61 3.32 -23.73 -5.25
N LYS A 62 2.34 -23.84 -6.15
CA LYS A 62 2.41 -24.82 -7.24
C LYS A 62 3.52 -24.49 -8.22
N LYS A 63 3.63 -23.22 -8.59
CA LYS A 63 4.67 -22.79 -9.53
C LYS A 63 6.05 -23.00 -8.93
N GLY A 64 6.14 -22.76 -7.62
CA GLY A 64 7.42 -22.92 -6.93
C GLY A 64 7.79 -21.67 -6.17
N LEU A 65 8.33 -21.85 -4.97
CA LEU A 65 8.73 -20.73 -4.14
C LEU A 65 10.25 -20.60 -4.12
N LEU A 66 10.74 -19.37 -4.21
CA LEU A 66 12.17 -19.12 -4.19
C LEU A 66 12.76 -19.65 -2.88
N GLY A 67 13.85 -20.40 -2.99
CA GLY A 67 14.51 -20.94 -1.81
C GLY A 67 13.88 -22.18 -1.22
N ALA A 68 12.88 -22.75 -1.89
CA ALA A 68 12.24 -23.95 -1.36
C ALA A 68 11.75 -24.89 -2.45
N LYS A 69 11.38 -26.09 -2.04
CA LYS A 69 10.87 -27.09 -2.94
C LYS A 69 9.58 -27.64 -2.34
N VAL A 70 8.45 -27.33 -2.97
CA VAL A 70 7.17 -27.81 -2.47
C VAL A 70 6.88 -29.15 -3.14
N LYS A 71 6.89 -30.21 -2.35
CA LYS A 71 6.66 -31.56 -2.85
C LYS A 71 5.34 -31.70 -3.58
N GLY A 72 4.26 -31.23 -2.95
CA GLY A 72 2.96 -31.33 -3.59
C GLY A 72 1.98 -30.30 -3.07
N VAL A 73 1.01 -29.95 -3.91
CA VAL A 73 -0.02 -28.99 -3.54
C VAL A 73 -1.35 -29.59 -4.01
N GLU A 74 -2.21 -29.88 -3.05
CA GLU A 74 -3.52 -30.48 -3.35
C GLU A 74 -4.66 -29.53 -3.02
N LEU A 75 -5.48 -29.23 -4.01
CA LEU A 75 -6.62 -28.33 -3.81
C LEU A 75 -7.70 -28.95 -2.94
N ASP A 76 -8.24 -28.15 -2.04
CA ASP A 76 -9.33 -28.58 -1.16
C ASP A 76 -10.43 -27.54 -1.45
N LEU A 77 -11.14 -27.73 -2.55
CA LEU A 77 -12.17 -26.78 -2.95
C LEU A 77 -13.21 -26.48 -1.86
N PRO A 78 -13.67 -27.51 -1.14
CA PRO A 78 -14.66 -27.22 -0.09
C PRO A 78 -14.10 -26.25 0.96
N ALA A 79 -12.85 -26.46 1.35
CA ALA A 79 -12.22 -25.59 2.35
C ALA A 79 -12.03 -24.20 1.77
N LEU A 80 -11.71 -24.13 0.48
CA LEU A 80 -11.52 -22.85 -0.18
C LEU A 80 -12.85 -22.08 -0.16
N MET A 81 -13.93 -22.77 -0.50
CA MET A 81 -15.24 -22.14 -0.52
C MET A 81 -15.73 -21.82 0.88
N ALA A 82 -15.34 -22.64 1.85
CA ALA A 82 -15.73 -22.41 3.24
C ALA A 82 -15.13 -21.09 3.74
N HIS A 83 -13.89 -20.82 3.36
CA HIS A 83 -13.24 -19.57 3.77
C HIS A 83 -14.00 -18.39 3.16
N LYS A 84 -14.29 -18.49 1.87
CA LYS A 84 -15.03 -17.44 1.17
C LYS A 84 -16.35 -17.16 1.86
N ASP A 85 -17.10 -18.22 2.15
CA ASP A 85 -18.40 -18.09 2.79
C ASP A 85 -18.31 -17.49 4.19
N LYS A 86 -17.27 -17.87 4.94
CA LYS A 86 -17.10 -17.36 6.29
C LYS A 86 -16.76 -15.86 6.26
N VAL A 87 -15.99 -15.44 5.27
CA VAL A 87 -15.63 -14.03 5.13
C VAL A 87 -16.89 -13.22 4.81
N VAL A 88 -17.67 -13.72 3.85
CA VAL A 88 -18.91 -13.05 3.47
C VAL A 88 -19.84 -12.94 4.66
N GLN A 89 -19.98 -14.02 5.41
CA GLN A 89 -20.85 -14.02 6.60
C GLN A 89 -20.41 -12.99 7.63
N ALA A 90 -19.11 -12.89 7.87
CA ALA A 90 -18.59 -11.94 8.85
C ALA A 90 -18.87 -10.51 8.39
N ASN A 91 -18.71 -10.26 7.10
CA ASN A 91 -18.96 -8.93 6.55
C ASN A 91 -20.43 -8.55 6.62
N THR A 92 -21.32 -9.42 6.19
CA THR A 92 -22.74 -9.11 6.22
C THR A 92 -23.23 -8.92 7.64
N GLN A 93 -22.67 -9.69 8.57
CA GLN A 93 -23.04 -9.58 9.98
C GLN A 93 -22.52 -8.25 10.53
N GLY A 94 -21.42 -7.78 9.96
CA GLY A 94 -20.86 -6.52 10.41
C GLY A 94 -21.77 -5.36 10.08
N VAL A 95 -22.35 -5.36 8.88
CA VAL A 95 -23.26 -4.30 8.48
C VAL A 95 -24.50 -4.31 9.38
N GLU A 96 -24.97 -5.50 9.72
CA GLU A 96 -26.13 -5.65 10.59
C GLU A 96 -25.81 -5.00 11.93
N PHE A 97 -24.62 -5.30 12.46
CA PHE A 97 -24.16 -4.76 13.73
C PHE A 97 -24.16 -3.23 13.68
N LEU A 98 -23.58 -2.68 12.62
CA LEU A 98 -23.51 -1.23 12.45
C LEU A 98 -24.88 -0.55 12.35
N PHE A 99 -25.84 -1.22 11.74
CA PHE A 99 -27.19 -0.67 11.62
C PHE A 99 -27.81 -0.56 13.02
N LYS A 100 -27.76 -1.64 13.78
CA LYS A 100 -28.32 -1.66 15.12
C LYS A 100 -27.62 -0.64 16.01
N LYS A 101 -26.30 -0.59 15.93
CA LYS A 101 -25.53 0.35 16.73
C LYS A 101 -25.90 1.79 16.40
N ASN A 102 -26.23 2.06 15.14
CA ASN A 102 -26.57 3.42 14.72
C ASN A 102 -28.07 3.72 14.71
N GLY A 103 -28.87 2.78 15.22
CA GLY A 103 -30.31 2.99 15.28
C GLY A 103 -31.00 3.08 13.94
N ILE A 104 -30.51 2.33 12.97
CA ILE A 104 -31.09 2.31 11.62
C ILE A 104 -32.07 1.15 11.53
N ALA A 105 -33.32 1.44 11.17
CA ALA A 105 -34.34 0.40 11.06
C ALA A 105 -34.23 -0.32 9.71
N ARG A 106 -34.46 -1.63 9.73
CA ARG A 106 -34.37 -2.43 8.51
C ARG A 106 -35.72 -3.06 8.17
N HIS A 107 -36.07 -3.01 6.90
CA HIS A 107 -37.32 -3.59 6.39
C HIS A 107 -36.91 -4.58 5.31
N GLN A 108 -37.50 -5.77 5.33
CA GLN A 108 -37.16 -6.77 4.33
C GLN A 108 -38.25 -6.98 3.30
N GLY A 109 -37.89 -6.76 2.03
CA GLY A 109 -38.83 -6.92 0.95
C GLY A 109 -38.47 -6.03 -0.22
N THR A 110 -39.30 -6.06 -1.26
CA THR A 110 -39.09 -5.24 -2.44
C THR A 110 -39.81 -3.91 -2.26
N ALA A 111 -39.07 -2.81 -2.36
CA ALA A 111 -39.65 -1.49 -2.23
C ALA A 111 -40.19 -1.04 -3.58
N ARG A 112 -41.38 -0.44 -3.55
CA ARG A 112 -42.04 0.03 -4.75
C ARG A 112 -42.68 1.38 -4.46
N PHE A 113 -42.47 2.35 -5.35
CA PHE A 113 -43.06 3.67 -5.14
C PHE A 113 -44.56 3.63 -5.35
N LEU A 114 -45.29 4.27 -4.44
CA LEU A 114 -46.74 4.37 -4.54
C LEU A 114 -47.02 5.80 -4.96
N SER A 115 -46.09 6.69 -4.60
CA SER A 115 -46.14 8.11 -4.91
C SER A 115 -44.73 8.62 -4.71
N GLU A 116 -44.51 9.93 -4.84
CA GLU A 116 -43.17 10.45 -4.67
C GLU A 116 -42.70 10.49 -3.22
N ARG A 117 -43.61 10.24 -2.27
CA ARG A 117 -43.23 10.26 -0.87
C ARG A 117 -43.62 8.99 -0.10
N LYS A 118 -44.29 8.07 -0.77
CA LYS A 118 -44.71 6.84 -0.12
C LYS A 118 -44.19 5.60 -0.85
N VAL A 119 -43.64 4.67 -0.09
CA VAL A 119 -43.10 3.44 -0.66
C VAL A 119 -43.74 2.22 -0.01
N LEU A 120 -44.05 1.22 -0.84
CA LEU A 120 -44.64 -0.02 -0.36
C LEU A 120 -43.60 -1.13 -0.32
N VAL A 121 -43.63 -1.91 0.75
CA VAL A 121 -42.73 -3.05 0.90
C VAL A 121 -43.71 -4.20 0.61
N GLU A 122 -43.71 -4.65 -0.65
CA GLU A 122 -44.61 -5.71 -1.10
C GLU A 122 -44.78 -6.91 -0.18
N GLU A 123 -43.71 -7.64 0.04
CA GLU A 123 -43.74 -8.84 0.88
C GLU A 123 -44.51 -8.68 2.19
N THR A 124 -44.30 -7.56 2.88
CA THR A 124 -44.97 -7.31 4.16
C THR A 124 -46.26 -6.53 4.04
N GLY A 125 -46.28 -5.51 3.19
CA GLY A 125 -47.47 -4.70 3.02
C GLY A 125 -47.31 -3.36 3.70
N GLU A 126 -46.14 -3.10 4.26
CA GLU A 126 -45.88 -1.83 4.94
C GLU A 126 -45.79 -0.69 3.95
N GLU A 127 -46.39 0.43 4.29
CA GLU A 127 -46.34 1.62 3.46
C GLU A 127 -45.58 2.66 4.26
N LEU A 128 -44.34 2.91 3.82
CA LEU A 128 -43.45 3.84 4.49
C LEU A 128 -43.36 5.20 3.83
N GLU A 129 -43.17 6.24 4.65
CA GLU A 129 -43.05 7.60 4.17
C GLU A 129 -41.77 8.21 4.74
N ALA A 130 -41.24 9.23 4.07
CA ALA A 130 -40.01 9.87 4.52
C ALA A 130 -39.87 11.23 3.88
N ARG A 131 -39.13 12.10 4.54
CA ARG A 131 -38.90 13.45 4.02
C ARG A 131 -38.03 13.33 2.77
N TYR A 132 -36.99 12.51 2.86
CA TYR A 132 -36.08 12.27 1.74
C TYR A 132 -36.05 10.78 1.42
N ILE A 133 -35.90 10.47 0.14
CA ILE A 133 -35.82 9.07 -0.29
C ILE A 133 -34.56 8.90 -1.12
N LEU A 134 -33.80 7.86 -0.81
CA LEU A 134 -32.56 7.58 -1.52
C LEU A 134 -32.65 6.24 -2.25
N ILE A 135 -32.52 6.30 -3.57
CA ILE A 135 -32.58 5.10 -4.40
C ILE A 135 -31.16 4.60 -4.62
N ALA A 136 -30.87 3.41 -4.09
CA ALA A 136 -29.54 2.81 -4.24
C ALA A 136 -29.77 1.34 -4.56
N THR A 137 -30.54 1.10 -5.61
CA THR A 137 -30.91 -0.25 -6.04
C THR A 137 -29.84 -1.03 -6.80
N GLY A 138 -28.71 -0.39 -7.04
CA GLY A 138 -27.60 -1.08 -7.69
C GLY A 138 -27.67 -1.56 -9.12
N SER A 139 -27.03 -2.69 -9.37
CA SER A 139 -26.95 -3.27 -10.70
C SER A 139 -27.22 -4.76 -10.72
N ALA A 140 -27.18 -5.33 -11.93
CA ALA A 140 -27.39 -6.76 -12.14
C ALA A 140 -26.57 -7.15 -13.36
N PRO A 141 -26.29 -8.45 -13.52
CA PRO A 141 -25.51 -8.86 -14.68
C PRO A 141 -26.25 -8.58 -15.99
N LEU A 142 -25.52 -8.16 -17.01
CA LEU A 142 -26.13 -7.92 -18.31
C LEU A 142 -26.16 -9.27 -19.00
N ILE A 143 -27.36 -9.71 -19.38
CA ILE A 143 -27.50 -11.00 -20.06
C ILE A 143 -28.19 -10.80 -21.40
N PRO A 144 -27.42 -10.69 -22.49
CA PRO A 144 -28.01 -10.51 -23.82
C PRO A 144 -28.89 -11.69 -24.18
N PRO A 145 -29.90 -11.48 -25.02
CA PRO A 145 -30.80 -12.57 -25.43
C PRO A 145 -30.08 -13.78 -26.02
N TRP A 146 -28.93 -13.55 -26.65
CA TRP A 146 -28.18 -14.64 -27.26
C TRP A 146 -27.44 -15.52 -26.27
N ALA A 147 -27.36 -15.08 -25.01
CA ALA A 147 -26.68 -15.85 -23.97
C ALA A 147 -27.75 -16.57 -23.13
N GLN A 148 -27.88 -17.87 -23.34
CA GLN A 148 -28.87 -18.65 -22.61
C GLN A 148 -28.34 -19.13 -21.27
N VAL A 149 -28.31 -18.21 -20.32
CA VAL A 149 -27.84 -18.51 -18.96
C VAL A 149 -28.81 -19.42 -18.23
N ASP A 150 -28.32 -20.52 -17.68
CA ASP A 150 -29.17 -21.43 -16.92
C ASP A 150 -28.70 -21.43 -15.47
N TYR A 151 -27.75 -20.55 -15.16
CA TYR A 151 -27.20 -20.40 -13.83
C TYR A 151 -26.57 -21.68 -13.26
N GLU A 152 -26.09 -22.54 -14.16
CA GLU A 152 -25.45 -23.78 -13.75
C GLU A 152 -24.25 -24.07 -14.66
N ARG A 153 -24.52 -24.20 -15.95
CA ARG A 153 -23.50 -24.47 -16.95
C ARG A 153 -23.06 -23.17 -17.62
N VAL A 154 -24.04 -22.32 -17.94
CA VAL A 154 -23.79 -21.01 -18.52
C VAL A 154 -24.20 -20.11 -17.37
N VAL A 155 -23.21 -19.46 -16.78
CA VAL A 155 -23.44 -18.65 -15.58
C VAL A 155 -23.06 -17.18 -15.62
N THR A 156 -23.43 -16.48 -14.53
CA THR A 156 -23.08 -15.09 -14.35
C THR A 156 -21.98 -15.16 -13.30
N SER A 157 -21.42 -14.02 -12.93
CA SER A 157 -20.36 -14.00 -11.93
C SER A 157 -20.76 -14.67 -10.61
N THR A 158 -22.03 -14.54 -10.24
CA THR A 158 -22.49 -15.13 -8.98
C THR A 158 -22.21 -16.62 -8.88
N GLU A 159 -22.56 -17.38 -9.92
CA GLU A 159 -22.34 -18.81 -9.89
C GLU A 159 -20.88 -19.19 -10.13
N ALA A 160 -20.14 -18.33 -10.83
CA ALA A 160 -18.73 -18.59 -11.10
C ALA A 160 -17.91 -18.50 -9.81
N LEU A 161 -18.49 -17.91 -8.78
CA LEU A 161 -17.83 -17.79 -7.49
C LEU A 161 -18.05 -19.07 -6.67
N SER A 162 -18.87 -19.98 -7.18
CA SER A 162 -19.19 -21.19 -6.43
C SER A 162 -19.20 -22.52 -7.20
N PHE A 163 -18.46 -22.62 -8.30
CA PHE A 163 -18.42 -23.87 -9.07
C PHE A 163 -18.18 -25.04 -8.11
N PRO A 164 -18.98 -26.12 -8.24
CA PRO A 164 -18.85 -27.30 -7.38
C PRO A 164 -17.54 -28.08 -7.59
N GLU A 165 -16.95 -27.91 -8.76
CA GLU A 165 -15.69 -28.56 -9.09
C GLU A 165 -14.96 -27.65 -10.07
N VAL A 166 -13.63 -27.73 -10.12
CA VAL A 166 -12.87 -26.91 -11.05
C VAL A 166 -13.24 -27.37 -12.46
N PRO A 167 -13.70 -26.44 -13.32
CA PRO A 167 -14.06 -26.85 -14.68
C PRO A 167 -12.82 -27.16 -15.49
N LYS A 168 -12.86 -28.24 -16.27
CA LYS A 168 -11.70 -28.62 -17.09
C LYS A 168 -11.42 -27.48 -18.07
N ARG A 169 -12.48 -26.94 -18.64
CA ARG A 169 -12.37 -25.83 -19.58
C ARG A 169 -13.42 -24.77 -19.23
N LEU A 170 -12.97 -23.54 -19.04
CA LEU A 170 -13.87 -22.43 -18.74
C LEU A 170 -13.71 -21.39 -19.83
N ILE A 171 -14.83 -20.98 -20.43
CA ILE A 171 -14.77 -19.93 -21.43
C ILE A 171 -15.41 -18.71 -20.78
N VAL A 172 -14.72 -17.58 -20.87
CA VAL A 172 -15.19 -16.34 -20.31
C VAL A 172 -15.55 -15.41 -21.47
N VAL A 173 -16.81 -15.02 -21.53
CA VAL A 173 -17.24 -14.10 -22.58
C VAL A 173 -17.22 -12.71 -22.00
N GLY A 174 -16.28 -11.90 -22.48
CA GLY A 174 -16.14 -10.53 -21.99
C GLY A 174 -14.82 -10.39 -21.25
N GLY A 175 -13.94 -9.54 -21.78
CA GLY A 175 -12.66 -9.34 -21.14
C GLY A 175 -12.59 -8.12 -20.25
N GLY A 176 -13.61 -7.94 -19.42
CA GLY A 176 -13.65 -6.82 -18.50
C GLY A 176 -13.07 -7.25 -17.16
N VAL A 177 -13.25 -6.44 -16.12
CA VAL A 177 -12.66 -6.79 -14.83
C VAL A 177 -13.23 -8.08 -14.24
N ILE A 178 -14.55 -8.26 -14.28
CA ILE A 178 -15.13 -9.48 -13.74
C ILE A 178 -14.64 -10.71 -14.49
N GLY A 179 -14.66 -10.63 -15.82
CA GLY A 179 -14.22 -11.75 -16.63
C GLY A 179 -12.78 -12.16 -16.38
N LEU A 180 -11.88 -11.19 -16.30
CA LEU A 180 -10.47 -11.50 -16.05
C LEU A 180 -10.22 -12.01 -14.63
N GLU A 181 -10.84 -11.38 -13.64
CA GLU A 181 -10.63 -11.79 -12.27
C GLU A 181 -11.10 -13.23 -12.03
N LEU A 182 -12.30 -13.55 -12.47
CA LEU A 182 -12.81 -14.90 -12.28
C LEU A 182 -12.13 -15.92 -13.19
N GLY A 183 -11.69 -15.48 -14.36
CA GLY A 183 -10.98 -16.38 -15.25
C GLY A 183 -9.66 -16.75 -14.60
N VAL A 184 -9.00 -15.77 -13.98
CA VAL A 184 -7.73 -16.00 -13.31
C VAL A 184 -7.92 -16.94 -12.12
N VAL A 185 -8.98 -16.72 -11.34
CA VAL A 185 -9.24 -17.57 -10.19
C VAL A 185 -9.26 -19.05 -10.59
N TRP A 186 -10.05 -19.39 -11.60
CA TRP A 186 -10.16 -20.79 -12.00
C TRP A 186 -8.94 -21.31 -12.75
N HIS A 187 -8.26 -20.44 -13.48
CA HIS A 187 -7.05 -20.85 -14.19
C HIS A 187 -6.02 -21.31 -13.14
N ARG A 188 -5.94 -20.57 -12.05
CA ARG A 188 -5.00 -20.90 -10.98
C ARG A 188 -5.29 -22.26 -10.39
N LEU A 189 -6.54 -22.68 -10.46
CA LEU A 189 -6.94 -23.98 -9.91
C LEU A 189 -6.88 -25.13 -10.91
N GLY A 190 -6.33 -24.87 -12.09
CA GLY A 190 -6.21 -25.93 -13.08
C GLY A 190 -7.07 -25.89 -14.32
N ALA A 191 -8.03 -24.97 -14.36
CA ALA A 191 -8.91 -24.87 -15.53
C ALA A 191 -8.22 -24.29 -16.76
N GLU A 192 -8.57 -24.78 -17.94
CA GLU A 192 -8.04 -24.23 -19.18
C GLU A 192 -8.97 -23.03 -19.34
N VAL A 193 -8.43 -21.82 -19.40
CA VAL A 193 -9.30 -20.66 -19.52
C VAL A 193 -9.14 -19.90 -20.83
N ILE A 194 -10.28 -19.65 -21.49
CA ILE A 194 -10.28 -18.92 -22.74
C ILE A 194 -11.16 -17.68 -22.57
N VAL A 195 -10.57 -16.50 -22.76
CA VAL A 195 -11.31 -15.26 -22.65
C VAL A 195 -11.57 -14.71 -24.05
N LEU A 196 -12.84 -14.47 -24.34
CA LEU A 196 -13.24 -13.94 -25.65
C LEU A 196 -13.70 -12.50 -25.47
N GLU A 197 -13.04 -11.58 -26.16
CA GLU A 197 -13.34 -10.16 -26.06
C GLU A 197 -13.65 -9.55 -27.43
N TYR A 198 -14.76 -8.84 -27.50
CA TYR A 198 -15.23 -8.19 -28.73
C TYR A 198 -14.30 -7.07 -29.21
N MET A 199 -13.91 -6.20 -28.30
CA MET A 199 -13.04 -5.08 -28.64
C MET A 199 -11.60 -5.50 -28.89
N ASP A 200 -10.78 -4.56 -29.33
CA ASP A 200 -9.38 -4.82 -29.63
C ASP A 200 -8.47 -4.77 -28.40
N ARG A 201 -9.07 -4.57 -27.23
CA ARG A 201 -8.34 -4.51 -25.98
C ARG A 201 -9.23 -5.01 -24.84
N ILE A 202 -8.62 -5.42 -23.74
CA ILE A 202 -9.38 -5.88 -22.58
C ILE A 202 -9.36 -4.74 -21.55
N LEU A 203 -10.07 -4.94 -20.44
CA LEU A 203 -10.12 -3.94 -19.36
C LEU A 203 -10.34 -2.54 -19.92
N PRO A 204 -11.57 -2.25 -20.38
CA PRO A 204 -11.95 -0.95 -20.96
C PRO A 204 -11.82 0.29 -20.09
N THR A 205 -11.76 0.14 -18.76
CA THR A 205 -11.64 1.31 -17.90
C THR A 205 -10.20 1.66 -17.54
N MET A 206 -9.26 0.83 -17.97
CA MET A 206 -7.86 1.08 -17.68
C MET A 206 -7.22 1.93 -18.79
N ASP A 207 -6.03 2.45 -18.51
CA ASP A 207 -5.30 3.22 -19.49
C ASP A 207 -4.93 2.18 -20.56
N LEU A 208 -4.97 2.57 -21.83
CA LEU A 208 -4.68 1.61 -22.90
C LEU A 208 -3.34 0.90 -22.79
N GLU A 209 -2.29 1.63 -22.43
CA GLU A 209 -0.98 1.01 -22.30
C GLU A 209 -1.05 -0.10 -21.25
N VAL A 210 -1.79 0.18 -20.18
CA VAL A 210 -1.94 -0.78 -19.08
C VAL A 210 -2.76 -1.99 -19.52
N SER A 211 -3.85 -1.76 -20.26
CA SER A 211 -4.69 -2.86 -20.72
C SER A 211 -3.87 -3.80 -21.61
N ARG A 212 -3.06 -3.22 -22.48
CA ARG A 212 -2.24 -4.02 -23.36
C ARG A 212 -1.18 -4.82 -22.60
N ALA A 213 -0.60 -4.19 -21.58
CA ALA A 213 0.41 -4.86 -20.76
C ALA A 213 -0.25 -6.02 -20.02
N ALA A 214 -1.45 -5.79 -19.52
CA ALA A 214 -2.18 -6.82 -18.79
C ALA A 214 -2.46 -8.01 -19.70
N GLU A 215 -2.89 -7.72 -20.93
CA GLU A 215 -3.17 -8.79 -21.87
C GLU A 215 -1.94 -9.67 -22.07
N ARG A 216 -0.77 -9.04 -22.24
CA ARG A 216 0.46 -9.80 -22.42
C ARG A 216 0.80 -10.63 -21.19
N VAL A 217 0.65 -10.03 -20.01
CA VAL A 217 0.95 -10.74 -18.75
C VAL A 217 0.07 -11.96 -18.57
N PHE A 218 -1.24 -11.78 -18.74
CA PHE A 218 -2.18 -12.87 -18.57
C PHE A 218 -1.93 -13.99 -19.57
N LYS A 219 -1.55 -13.65 -20.80
CA LYS A 219 -1.28 -14.67 -21.80
C LYS A 219 -0.06 -15.48 -21.37
N LYS A 220 0.95 -14.79 -20.83
CA LYS A 220 2.16 -15.48 -20.38
C LYS A 220 1.86 -16.44 -19.23
N GLN A 221 0.88 -16.08 -18.39
CA GLN A 221 0.51 -16.93 -17.26
C GLN A 221 -0.18 -18.19 -17.75
N GLY A 222 -0.73 -18.17 -18.95
CA GLY A 222 -1.39 -19.35 -19.47
C GLY A 222 -2.83 -19.18 -19.91
N LEU A 223 -3.40 -17.98 -19.74
CA LEU A 223 -4.77 -17.78 -20.17
C LEU A 223 -4.74 -17.50 -21.66
N THR A 224 -5.77 -17.97 -22.37
CA THR A 224 -5.88 -17.70 -23.79
C THR A 224 -6.78 -16.46 -23.84
N ILE A 225 -6.32 -15.41 -24.50
CA ILE A 225 -7.11 -14.19 -24.62
C ILE A 225 -7.23 -13.82 -26.08
N ARG A 226 -8.44 -13.89 -26.60
CA ARG A 226 -8.69 -13.57 -28.00
C ARG A 226 -9.55 -12.31 -28.10
N THR A 227 -8.96 -11.24 -28.59
CA THR A 227 -9.68 -9.98 -28.76
C THR A 227 -10.22 -9.91 -30.18
N GLY A 228 -11.11 -8.95 -30.42
CA GLY A 228 -11.69 -8.79 -31.74
C GLY A 228 -12.60 -9.95 -32.10
N VAL A 229 -13.16 -10.58 -31.07
CA VAL A 229 -14.04 -11.73 -31.26
C VAL A 229 -15.43 -11.47 -30.70
N ARG A 230 -16.44 -11.46 -31.57
CA ARG A 230 -17.80 -11.24 -31.10
C ARG A 230 -18.52 -12.57 -30.93
N VAL A 231 -18.88 -12.88 -29.68
CA VAL A 231 -19.60 -14.11 -29.40
C VAL A 231 -21.04 -13.86 -29.83
N THR A 232 -21.62 -14.80 -30.57
CA THR A 232 -22.98 -14.64 -31.07
C THR A 232 -24.01 -15.49 -30.35
N ALA A 233 -23.57 -16.49 -29.59
CA ALA A 233 -24.49 -17.33 -28.86
C ALA A 233 -23.80 -18.23 -27.85
N VAL A 234 -24.49 -18.51 -26.76
CA VAL A 234 -23.99 -19.39 -25.71
C VAL A 234 -25.20 -20.24 -25.32
N VAL A 235 -25.06 -21.55 -25.44
CA VAL A 235 -26.16 -22.46 -25.13
C VAL A 235 -25.74 -23.66 -24.29
N PRO A 236 -26.45 -23.91 -23.18
CA PRO A 236 -26.16 -25.03 -22.27
C PRO A 236 -26.41 -26.34 -23.02
N GLU A 237 -25.51 -27.31 -22.84
CA GLU A 237 -25.64 -28.59 -23.50
C GLU A 237 -24.97 -29.68 -22.66
N ALA A 238 -25.75 -30.69 -22.28
CA ALA A 238 -25.21 -31.79 -21.48
C ALA A 238 -24.48 -31.27 -20.23
N LYS A 239 -23.26 -31.73 -20.00
CA LYS A 239 -22.51 -31.30 -18.83
C LYS A 239 -21.96 -29.88 -18.93
N GLY A 240 -21.93 -29.33 -20.14
CA GLY A 240 -21.39 -27.99 -20.30
C GLY A 240 -22.16 -27.05 -21.21
N ALA A 241 -21.47 -26.50 -22.21
CA ALA A 241 -22.10 -25.56 -23.12
C ALA A 241 -21.29 -25.35 -24.38
N ARG A 242 -21.91 -24.70 -25.36
CA ARG A 242 -21.24 -24.39 -26.61
C ARG A 242 -21.32 -22.89 -26.82
N VAL A 243 -20.25 -22.34 -27.38
CA VAL A 243 -20.16 -20.93 -27.65
C VAL A 243 -19.90 -20.74 -29.13
N GLU A 244 -20.75 -19.96 -29.79
CA GLU A 244 -20.58 -19.70 -31.21
C GLU A 244 -20.02 -18.31 -31.41
N LEU A 245 -19.09 -18.18 -32.36
CA LEU A 245 -18.46 -16.90 -32.65
C LEU A 245 -18.91 -16.38 -34.01
N GLU A 246 -18.81 -15.07 -34.21
CA GLU A 246 -19.20 -14.48 -35.48
C GLU A 246 -18.34 -15.19 -36.53
N GLY A 247 -18.97 -15.65 -37.60
CA GLY A 247 -18.23 -16.34 -38.63
C GLY A 247 -18.59 -17.81 -38.68
N GLY A 248 -18.95 -18.37 -37.53
CA GLY A 248 -19.33 -19.77 -37.49
C GLY A 248 -18.59 -20.67 -36.53
N GLU A 249 -17.39 -20.26 -36.11
CA GLU A 249 -16.59 -21.08 -35.20
C GLU A 249 -17.38 -21.40 -33.92
N VAL A 250 -17.26 -22.63 -33.45
CA VAL A 250 -17.96 -23.07 -32.25
C VAL A 250 -16.97 -23.69 -31.26
N LEU A 251 -17.05 -23.24 -30.01
CA LEU A 251 -16.19 -23.75 -28.95
C LEU A 251 -17.04 -24.46 -27.92
N GLU A 252 -16.46 -25.48 -27.29
CA GLU A 252 -17.17 -26.23 -26.25
C GLU A 252 -16.40 -26.08 -24.94
N ALA A 253 -17.14 -26.05 -23.83
CA ALA A 253 -16.51 -25.89 -22.52
C ALA A 253 -17.41 -26.46 -21.43
N ASP A 254 -16.81 -26.77 -20.28
CA ASP A 254 -17.56 -27.31 -19.16
C ASP A 254 -18.39 -26.22 -18.50
N ARG A 255 -17.87 -25.00 -18.52
CA ARG A 255 -18.58 -23.86 -17.94
C ARG A 255 -18.32 -22.62 -18.79
N VAL A 256 -19.31 -21.74 -18.87
CA VAL A 256 -19.15 -20.51 -19.63
C VAL A 256 -19.64 -19.38 -18.74
N LEU A 257 -18.75 -18.43 -18.49
CA LEU A 257 -19.10 -17.27 -17.69
C LEU A 257 -19.44 -16.14 -18.63
N VAL A 258 -20.64 -15.60 -18.50
CA VAL A 258 -21.06 -14.48 -19.34
C VAL A 258 -20.83 -13.23 -18.50
N ALA A 259 -19.80 -12.47 -18.87
CA ALA A 259 -19.44 -11.26 -18.14
C ALA A 259 -19.25 -10.14 -19.14
N VAL A 260 -20.33 -9.79 -19.83
CA VAL A 260 -20.27 -8.74 -20.85
C VAL A 260 -20.72 -7.39 -20.32
N GLY A 261 -20.84 -7.28 -18.99
CA GLY A 261 -21.22 -6.02 -18.38
C GLY A 261 -22.25 -6.13 -17.28
N ARG A 262 -22.58 -4.98 -16.68
CA ARG A 262 -23.58 -4.91 -15.64
C ARG A 262 -24.46 -3.71 -15.94
N ARG A 263 -25.74 -3.83 -15.63
CA ARG A 263 -26.70 -2.78 -15.93
C ARG A 263 -27.39 -2.26 -14.68
N PRO A 264 -27.82 -0.98 -14.70
CA PRO A 264 -28.50 -0.41 -13.54
C PRO A 264 -29.75 -1.26 -13.29
N TYR A 265 -30.08 -1.48 -12.02
CA TYR A 265 -31.23 -2.30 -11.68
C TYR A 265 -32.36 -1.51 -11.02
N THR A 266 -33.53 -1.49 -11.64
CA THR A 266 -34.68 -0.77 -11.09
C THR A 266 -35.97 -1.59 -11.20
N GLU A 267 -35.84 -2.89 -11.46
CA GLU A 267 -37.00 -3.76 -11.61
C GLU A 267 -37.88 -3.79 -10.36
N GLY A 268 -39.18 -3.61 -10.57
CA GLY A 268 -40.13 -3.62 -9.47
C GLY A 268 -40.23 -2.35 -8.65
N LEU A 269 -39.41 -1.37 -8.99
CA LEU A 269 -39.39 -0.11 -8.27
C LEU A 269 -40.57 0.82 -8.60
N SER A 270 -41.20 0.61 -9.75
CA SER A 270 -42.34 1.45 -10.16
C SER A 270 -41.99 2.94 -10.08
N LEU A 271 -40.88 3.32 -10.71
CA LEU A 271 -40.41 4.70 -10.72
C LEU A 271 -41.45 5.68 -11.24
N GLU A 272 -42.28 5.25 -12.19
CA GLU A 272 -43.28 6.14 -12.76
C GLU A 272 -44.23 6.72 -11.72
N ASN A 273 -44.44 6.01 -10.61
CA ASN A 273 -45.32 6.50 -9.56
C ASN A 273 -44.74 7.68 -8.80
N ALA A 274 -43.44 7.90 -8.95
CA ALA A 274 -42.78 9.02 -8.28
C ALA A 274 -42.46 10.09 -9.32
N GLY A 275 -42.90 9.86 -10.55
CA GLY A 275 -42.64 10.80 -11.63
C GLY A 275 -41.22 10.68 -12.15
N LEU A 276 -40.64 9.49 -11.98
CA LEU A 276 -39.27 9.24 -12.42
C LEU A 276 -39.18 8.22 -13.55
N SER A 277 -38.09 8.27 -14.29
CA SER A 277 -37.86 7.34 -15.38
C SER A 277 -36.36 7.11 -15.57
N THR A 278 -36.01 6.06 -16.31
CA THR A 278 -34.63 5.74 -16.58
C THR A 278 -34.25 6.16 -18.00
N ASP A 279 -32.96 6.38 -18.24
CA ASP A 279 -32.52 6.76 -19.58
C ASP A 279 -32.30 5.52 -20.45
N GLU A 280 -31.72 5.71 -21.63
CA GLU A 280 -31.49 4.61 -22.55
C GLU A 280 -30.68 3.44 -21.99
N ARG A 281 -29.82 3.73 -21.02
CA ARG A 281 -28.98 2.69 -20.43
C ARG A 281 -29.56 2.16 -19.13
N GLY A 282 -30.75 2.61 -18.77
CA GLY A 282 -31.40 2.16 -17.56
C GLY A 282 -31.01 2.94 -16.30
N ARG A 283 -30.20 3.98 -16.48
CA ARG A 283 -29.77 4.78 -15.34
C ARG A 283 -30.83 5.80 -14.92
N ILE A 284 -30.81 6.19 -13.65
CA ILE A 284 -31.72 7.21 -13.16
C ILE A 284 -30.94 8.51 -13.24
N PRO A 285 -31.40 9.46 -14.06
CA PRO A 285 -30.71 10.75 -14.20
C PRO A 285 -30.67 11.53 -12.89
N VAL A 286 -29.51 12.11 -12.57
CA VAL A 286 -29.36 12.91 -11.36
C VAL A 286 -28.55 14.17 -11.69
N ASP A 287 -28.73 15.21 -10.89
CA ASP A 287 -28.02 16.47 -11.10
C ASP A 287 -26.71 16.53 -10.33
N GLU A 288 -26.12 17.73 -10.25
CA GLU A 288 -24.84 17.90 -9.56
C GLU A 288 -24.87 17.57 -8.07
N HIS A 289 -26.06 17.46 -7.48
CA HIS A 289 -26.16 17.14 -6.06
C HIS A 289 -26.72 15.74 -5.84
N LEU A 290 -26.74 14.94 -6.91
CA LEU A 290 -27.23 13.56 -6.86
C LEU A 290 -28.74 13.50 -6.67
N ARG A 291 -29.42 14.59 -7.01
CA ARG A 291 -30.87 14.65 -6.89
C ARG A 291 -31.49 14.25 -8.23
N THR A 292 -32.62 13.54 -8.17
CA THR A 292 -33.33 13.15 -9.38
C THR A 292 -34.16 14.37 -9.77
N ARG A 293 -35.01 14.24 -10.78
CA ARG A 293 -35.84 15.37 -11.20
C ARG A 293 -36.82 15.76 -10.10
N VAL A 294 -37.06 14.84 -9.18
CA VAL A 294 -37.93 15.08 -8.03
C VAL A 294 -36.94 15.39 -6.91
N PRO A 295 -36.75 16.68 -6.59
CA PRO A 295 -35.84 17.25 -5.58
C PRO A 295 -35.56 16.49 -4.27
N HIS A 296 -36.58 15.94 -3.63
CA HIS A 296 -36.36 15.22 -2.37
C HIS A 296 -35.97 13.76 -2.54
N ILE A 297 -35.89 13.30 -3.79
CA ILE A 297 -35.51 11.92 -4.06
C ILE A 297 -34.14 11.92 -4.72
N TYR A 298 -33.19 11.21 -4.11
CA TYR A 298 -31.82 11.12 -4.62
C TYR A 298 -31.56 9.72 -5.16
N ALA A 299 -30.51 9.59 -5.97
CA ALA A 299 -30.11 8.30 -6.54
C ALA A 299 -28.59 8.24 -6.57
N ILE A 300 -28.03 7.10 -6.18
CA ILE A 300 -26.59 6.94 -6.11
C ILE A 300 -26.13 5.53 -6.49
N GLY A 301 -24.83 5.36 -6.60
CA GLY A 301 -24.27 4.06 -6.90
C GLY A 301 -24.41 3.55 -8.32
N ASP A 302 -24.43 2.24 -8.46
CA ASP A 302 -24.52 1.59 -9.76
C ASP A 302 -25.78 1.95 -10.56
N VAL A 303 -26.79 2.47 -9.90
CA VAL A 303 -28.03 2.81 -10.61
C VAL A 303 -27.96 4.15 -11.34
N VAL A 304 -26.90 4.92 -11.09
CA VAL A 304 -26.73 6.20 -11.76
C VAL A 304 -25.42 6.19 -12.56
N ARG A 305 -25.18 7.27 -13.32
CA ARG A 305 -23.99 7.39 -14.15
C ARG A 305 -22.68 7.27 -13.37
N GLY A 306 -21.63 6.87 -14.08
CA GLY A 306 -20.32 6.75 -13.46
C GLY A 306 -19.81 5.35 -13.26
N PRO A 307 -18.54 5.19 -12.84
CA PRO A 307 -17.91 3.90 -12.60
C PRO A 307 -18.71 3.08 -11.60
N MET A 308 -18.95 1.81 -11.93
CA MET A 308 -19.69 0.94 -11.03
C MET A 308 -18.68 0.34 -10.08
N LEU A 309 -18.41 1.07 -9.00
CA LEU A 309 -17.46 0.64 -7.99
C LEU A 309 -18.10 0.82 -6.61
N ALA A 310 -17.70 -0.02 -5.67
CA ALA A 310 -18.26 0.04 -4.32
C ALA A 310 -17.98 1.37 -3.61
N HIS A 311 -16.72 1.81 -3.64
CA HIS A 311 -16.37 3.06 -2.98
C HIS A 311 -16.96 4.30 -3.68
N LYS A 312 -17.26 4.17 -4.96
CA LYS A 312 -17.87 5.27 -5.70
C LYS A 312 -19.31 5.38 -5.18
N ALA A 313 -19.97 4.23 -5.03
CA ALA A 313 -21.33 4.20 -4.52
C ALA A 313 -21.37 4.76 -3.09
N SER A 314 -20.44 4.34 -2.25
CA SER A 314 -20.40 4.81 -0.87
C SER A 314 -20.15 6.32 -0.78
N GLU A 315 -19.22 6.82 -1.60
CA GLU A 315 -18.92 8.25 -1.61
C GLU A 315 -20.13 9.07 -2.05
N GLU A 316 -20.91 8.54 -2.98
CA GLU A 316 -22.09 9.27 -3.44
C GLU A 316 -23.16 9.23 -2.35
N GLY A 317 -23.20 8.13 -1.60
CA GLY A 317 -24.17 8.02 -0.52
C GLY A 317 -23.91 9.09 0.52
N ILE A 318 -22.64 9.29 0.85
CA ILE A 318 -22.25 10.29 1.84
C ILE A 318 -22.58 11.70 1.33
N ALA A 319 -22.24 11.96 0.07
CA ALA A 319 -22.52 13.26 -0.52
C ALA A 319 -24.01 13.57 -0.59
N ALA A 320 -24.81 12.54 -0.89
CA ALA A 320 -26.25 12.72 -0.98
C ALA A 320 -26.85 13.13 0.36
N VAL A 321 -26.52 12.38 1.40
CA VAL A 321 -27.07 12.68 2.72
C VAL A 321 -26.53 13.99 3.28
N GLU A 322 -25.27 14.30 3.01
CA GLU A 322 -24.71 15.55 3.50
C GLU A 322 -25.41 16.72 2.82
N HIS A 323 -25.81 16.53 1.56
CA HIS A 323 -26.52 17.59 0.86
C HIS A 323 -27.90 17.77 1.51
N MET A 324 -28.54 16.65 1.83
CA MET A 324 -29.87 16.66 2.46
C MET A 324 -29.87 17.44 3.77
N VAL A 325 -28.85 17.22 4.57
CA VAL A 325 -28.74 17.86 5.87
C VAL A 325 -28.02 19.20 5.91
N ARG A 326 -26.92 19.31 5.17
CA ARG A 326 -26.14 20.55 5.19
C ARG A 326 -26.28 21.45 3.97
N GLY A 327 -26.88 20.93 2.90
CA GLY A 327 -27.05 21.75 1.71
C GLY A 327 -25.87 21.72 0.76
N PHE A 328 -24.88 20.88 1.08
CA PHE A 328 -23.72 20.76 0.22
C PHE A 328 -23.06 19.39 0.39
N GLY A 329 -22.52 18.88 -0.71
CA GLY A 329 -21.86 17.59 -0.69
C GLY A 329 -21.01 17.53 -1.95
N HIS A 330 -20.00 16.67 -1.97
CA HIS A 330 -19.15 16.60 -3.14
C HIS A 330 -18.41 15.27 -3.26
N VAL A 331 -18.25 14.81 -4.48
CA VAL A 331 -17.53 13.57 -4.75
C VAL A 331 -16.42 13.91 -5.73
N ASP A 332 -15.17 13.62 -5.37
CA ASP A 332 -14.05 13.90 -6.26
C ASP A 332 -13.85 12.67 -7.13
N TYR A 333 -14.57 12.63 -8.26
CA TYR A 333 -14.49 11.50 -9.17
C TYR A 333 -13.08 11.27 -9.73
N GLN A 334 -12.29 12.33 -9.81
CA GLN A 334 -10.94 12.22 -10.36
C GLN A 334 -9.97 11.52 -9.42
N ALA A 335 -10.32 11.42 -8.15
CA ALA A 335 -9.46 10.78 -7.17
C ALA A 335 -9.93 9.37 -6.83
N ILE A 336 -10.93 8.88 -7.54
CA ILE A 336 -11.46 7.54 -7.29
C ILE A 336 -10.65 6.47 -8.00
N PRO A 337 -10.01 5.57 -7.25
CA PRO A 337 -9.20 4.51 -7.88
C PRO A 337 -10.03 3.34 -8.38
N SER A 338 -9.55 2.71 -9.44
CA SER A 338 -10.20 1.54 -10.02
C SER A 338 -9.11 0.47 -9.99
N VAL A 339 -9.39 -0.67 -9.39
CA VAL A 339 -8.38 -1.72 -9.27
C VAL A 339 -8.86 -3.11 -9.70
N VAL A 340 -7.97 -3.84 -10.37
CA VAL A 340 -8.25 -5.21 -10.81
C VAL A 340 -7.39 -6.04 -9.87
N TYR A 341 -8.02 -6.93 -9.11
CA TYR A 341 -7.29 -7.70 -8.11
C TYR A 341 -6.66 -9.02 -8.49
N THR A 342 -6.10 -9.06 -9.69
CA THR A 342 -5.39 -10.23 -10.17
C THR A 342 -3.97 -10.04 -9.64
N HIS A 343 -3.07 -10.91 -10.05
CA HIS A 343 -1.65 -10.80 -9.67
C HIS A 343 -0.87 -10.98 -10.96
N PRO A 344 -0.19 -9.92 -11.43
CA PRO A 344 -0.12 -8.60 -10.80
C PRO A 344 -1.46 -7.87 -10.78
N GLU A 345 -1.57 -6.87 -9.90
CA GLU A 345 -2.79 -6.08 -9.82
C GLU A 345 -2.71 -5.07 -10.97
N ILE A 346 -3.84 -4.45 -11.27
CA ILE A 346 -3.91 -3.45 -12.35
C ILE A 346 -4.73 -2.32 -11.76
N ALA A 347 -4.29 -1.08 -11.96
CA ALA A 347 -5.03 0.03 -11.38
C ALA A 347 -4.99 1.32 -12.19
N ALA A 348 -5.99 2.16 -11.94
CA ALA A 348 -6.11 3.44 -12.62
C ALA A 348 -6.77 4.44 -11.67
N VAL A 349 -6.33 5.69 -11.76
CA VAL A 349 -6.93 6.75 -10.96
C VAL A 349 -6.82 8.01 -11.83
N GLY A 350 -7.89 8.78 -11.92
CA GLY A 350 -7.85 9.98 -12.74
C GLY A 350 -8.02 9.69 -14.22
N TYR A 351 -7.56 10.61 -15.07
CA TYR A 351 -7.66 10.46 -16.51
C TYR A 351 -6.63 9.53 -17.13
N THR A 352 -7.05 8.79 -18.16
CA THR A 352 -6.16 7.90 -18.90
C THR A 352 -5.56 8.78 -20.00
N GLU A 353 -4.54 8.30 -20.69
CA GLU A 353 -3.96 9.10 -21.76
C GLU A 353 -4.98 9.33 -22.88
N GLU A 354 -5.85 8.35 -23.11
CA GLU A 354 -6.85 8.47 -24.16
C GLU A 354 -7.83 9.61 -23.85
N GLU A 355 -8.18 9.75 -22.58
CA GLU A 355 -9.10 10.80 -22.17
C GLU A 355 -8.45 12.18 -22.25
N LEU A 356 -7.17 12.28 -21.92
CA LEU A 356 -6.47 13.55 -22.00
C LEU A 356 -6.33 13.97 -23.47
N LYS A 357 -5.99 13.01 -24.33
CA LYS A 357 -5.83 13.29 -25.75
C LYS A 357 -7.15 13.77 -26.35
N ALA A 358 -8.25 13.14 -25.96
CA ALA A 358 -9.57 13.49 -26.47
C ALA A 358 -9.99 14.89 -26.04
N GLN A 359 -9.51 15.32 -24.87
CA GLN A 359 -9.84 16.65 -24.37
C GLN A 359 -8.82 17.68 -24.82
N GLY A 360 -7.77 17.22 -25.51
CA GLY A 360 -6.74 18.13 -25.97
C GLY A 360 -5.97 18.77 -24.83
N ILE A 361 -5.78 18.00 -23.75
CA ILE A 361 -5.05 18.50 -22.59
C ILE A 361 -3.58 18.12 -22.70
N PRO A 362 -2.69 19.14 -22.71
CA PRO A 362 -1.24 18.89 -22.80
C PRO A 362 -0.74 18.27 -21.51
N TYR A 363 0.00 17.18 -21.62
CA TYR A 363 0.50 16.51 -20.43
C TYR A 363 1.87 15.85 -20.61
N LYS A 364 2.51 15.56 -19.48
CA LYS A 364 3.82 14.93 -19.47
C LYS A 364 3.64 13.53 -18.92
N VAL A 365 4.51 12.61 -19.31
CA VAL A 365 4.43 11.24 -18.83
C VAL A 365 5.69 10.80 -18.10
N GLY A 366 5.50 10.31 -16.87
CA GLY A 366 6.60 9.82 -16.07
C GLY A 366 6.31 8.35 -15.84
N LYS A 367 7.26 7.49 -16.19
CA LYS A 367 7.07 6.06 -16.04
C LYS A 367 8.27 5.39 -15.37
N PHE A 368 8.01 4.47 -14.46
CA PHE A 368 9.06 3.74 -13.76
C PHE A 368 8.66 2.26 -13.72
N PRO A 369 9.56 1.36 -14.14
CA PRO A 369 9.31 -0.08 -14.15
C PRO A 369 9.60 -0.79 -12.85
N TYR A 370 8.85 -1.86 -12.57
CA TYR A 370 9.06 -2.65 -11.38
C TYR A 370 10.45 -3.30 -11.44
N SER A 371 10.94 -3.51 -12.67
CA SER A 371 12.25 -4.11 -12.87
C SER A 371 13.38 -3.29 -12.27
N ALA A 372 13.14 -1.99 -12.06
CA ALA A 372 14.14 -1.11 -11.49
C ALA A 372 13.94 -0.92 -9.99
N SER A 373 12.99 -1.66 -9.42
CA SER A 373 12.69 -1.55 -7.99
C SER A 373 13.44 -2.56 -7.13
N GLY A 374 14.18 -2.06 -6.14
CA GLY A 374 14.91 -2.95 -5.26
C GLY A 374 13.96 -3.84 -4.47
N ARG A 375 12.85 -3.29 -4.01
CA ARG A 375 11.88 -4.06 -3.25
C ARG A 375 11.23 -5.10 -4.14
N ALA A 376 10.91 -4.73 -5.38
CA ALA A 376 10.28 -5.67 -6.29
C ALA A 376 11.25 -6.83 -6.57
N ARG A 377 12.51 -6.50 -6.83
CA ARG A 377 13.51 -7.53 -7.09
C ARG A 377 13.62 -8.47 -5.90
N ALA A 378 13.64 -7.90 -4.70
CA ALA A 378 13.74 -8.70 -3.48
C ALA A 378 12.59 -9.68 -3.39
N MET A 379 11.40 -9.25 -3.81
CA MET A 379 10.20 -10.09 -3.79
C MET A 379 10.21 -11.13 -4.90
N GLY A 380 11.05 -10.91 -5.92
CA GLY A 380 11.09 -11.84 -7.03
C GLY A 380 10.14 -11.39 -8.11
N GLU A 381 9.74 -10.11 -8.03
CA GLU A 381 8.85 -9.50 -9.01
C GLU A 381 9.69 -8.61 -9.91
N THR A 382 9.35 -8.57 -11.18
CA THR A 382 10.09 -7.73 -12.11
C THR A 382 9.17 -7.15 -13.19
N GLU A 383 7.97 -7.70 -13.28
CA GLU A 383 7.03 -7.23 -14.30
C GLU A 383 6.12 -6.10 -13.81
N GLY A 384 5.82 -5.18 -14.71
CA GLY A 384 4.95 -4.07 -14.37
C GLY A 384 5.61 -2.71 -14.37
N PHE A 385 4.79 -1.69 -14.14
CA PHE A 385 5.26 -0.31 -14.12
C PHE A 385 4.17 0.60 -13.56
N ILE A 386 4.55 1.82 -13.20
CA ILE A 386 3.58 2.81 -12.75
C ILE A 386 3.86 4.04 -13.59
N LYS A 387 2.80 4.64 -14.12
CA LYS A 387 2.90 5.81 -14.97
C LYS A 387 2.13 6.97 -14.35
N VAL A 388 2.76 8.15 -14.32
CA VAL A 388 2.12 9.34 -13.78
C VAL A 388 1.94 10.33 -14.92
N LEU A 389 0.72 10.87 -15.05
CA LEU A 389 0.42 11.84 -16.10
C LEU A 389 0.23 13.18 -15.40
N ALA A 390 1.01 14.19 -15.81
CA ALA A 390 0.92 15.50 -15.18
C ALA A 390 0.74 16.61 -16.23
N HIS A 391 -0.02 17.64 -15.85
CA HIS A 391 -0.26 18.75 -16.75
C HIS A 391 1.06 19.35 -17.23
N ALA A 392 1.18 19.54 -18.54
CA ALA A 392 2.41 20.07 -19.12
C ALA A 392 2.80 21.46 -18.63
N LYS A 393 1.83 22.22 -18.14
CA LYS A 393 2.11 23.58 -17.67
C LYS A 393 2.05 23.76 -16.16
N THR A 394 1.04 23.19 -15.52
CA THR A 394 0.87 23.32 -14.07
C THR A 394 1.50 22.20 -13.25
N ASP A 395 1.93 21.13 -13.93
CA ASP A 395 2.54 19.96 -13.27
C ASP A 395 1.53 19.23 -12.38
N ARG A 396 0.27 19.65 -12.44
CA ARG A 396 -0.76 19.02 -11.64
C ARG A 396 -0.94 17.57 -12.07
N ILE A 397 -1.04 16.64 -11.12
CA ILE A 397 -1.22 15.24 -11.47
C ILE A 397 -2.62 15.09 -12.06
N LEU A 398 -2.70 14.50 -13.25
CA LEU A 398 -3.97 14.31 -13.94
C LEU A 398 -4.46 12.87 -13.80
N GLY A 399 -3.52 11.94 -13.74
CA GLY A 399 -3.86 10.53 -13.61
C GLY A 399 -2.64 9.69 -13.26
N VAL A 400 -2.89 8.53 -12.67
CA VAL A 400 -1.81 7.61 -12.31
C VAL A 400 -2.32 6.22 -12.69
N HIS A 401 -1.47 5.43 -13.34
CA HIS A 401 -1.86 4.11 -13.80
C HIS A 401 -0.74 3.11 -13.63
N GLY A 402 -1.09 1.85 -13.45
CA GLY A 402 -0.04 0.87 -13.30
C GLY A 402 -0.49 -0.57 -13.32
N ILE A 403 0.50 -1.46 -13.40
CA ILE A 403 0.28 -2.89 -13.40
C ILE A 403 1.49 -3.46 -12.68
N GLY A 404 1.25 -4.37 -11.74
CA GLY A 404 2.35 -4.96 -11.00
C GLY A 404 1.89 -5.42 -9.63
N ALA A 405 2.76 -6.14 -8.92
CA ALA A 405 2.42 -6.65 -7.60
C ALA A 405 1.92 -5.54 -6.67
N ARG A 406 0.75 -5.77 -6.07
CA ARG A 406 0.14 -4.83 -5.14
C ARG A 406 0.08 -3.38 -5.64
N VAL A 407 -0.01 -3.19 -6.95
CA VAL A 407 -0.04 -1.83 -7.48
C VAL A 407 -1.26 -1.06 -6.98
N GLY A 408 -2.33 -1.77 -6.66
CA GLY A 408 -3.52 -1.13 -6.15
C GLY A 408 -3.23 -0.48 -4.80
N ASP A 409 -2.44 -1.17 -3.98
CA ASP A 409 -2.08 -0.63 -2.67
C ASP A 409 -1.20 0.59 -2.86
N VAL A 410 -0.28 0.51 -3.82
CA VAL A 410 0.62 1.62 -4.07
C VAL A 410 -0.15 2.86 -4.51
N LEU A 411 -1.16 2.66 -5.36
CA LEU A 411 -1.94 3.78 -5.88
C LEU A 411 -2.93 4.40 -4.90
N ALA A 412 -3.00 3.86 -3.68
CA ALA A 412 -3.89 4.45 -2.68
C ALA A 412 -3.29 5.83 -2.43
N GLU A 413 -1.96 5.91 -2.51
CA GLU A 413 -1.23 7.15 -2.31
C GLU A 413 -1.50 8.11 -3.47
N ALA A 414 -1.62 7.55 -4.66
CA ALA A 414 -1.89 8.36 -5.85
C ALA A 414 -3.26 9.01 -5.74
N ALA A 415 -4.23 8.26 -5.21
CA ALA A 415 -5.58 8.78 -5.05
C ALA A 415 -5.57 9.94 -4.06
N LEU A 416 -4.80 9.80 -2.99
CA LEU A 416 -4.72 10.86 -1.99
C LEU A 416 -4.10 12.11 -2.62
N ALA A 417 -3.08 11.91 -3.45
CA ALA A 417 -2.40 13.03 -4.12
C ALA A 417 -3.37 13.78 -4.99
N LEU A 418 -4.19 13.05 -5.75
CA LEU A 418 -5.18 13.66 -6.62
C LEU A 418 -6.22 14.39 -5.79
N PHE A 419 -6.60 13.80 -4.66
CA PHE A 419 -7.59 14.40 -3.78
C PHE A 419 -7.08 15.74 -3.27
N PHE A 420 -5.78 15.84 -3.08
CA PHE A 420 -5.16 17.07 -2.61
C PHE A 420 -4.71 17.98 -3.76
N LYS A 421 -5.08 17.62 -4.98
CA LYS A 421 -4.73 18.39 -6.17
C LYS A 421 -3.21 18.60 -6.24
N ALA A 422 -2.47 17.56 -5.89
CA ALA A 422 -1.01 17.63 -5.88
C ALA A 422 -0.38 17.63 -7.26
N SER A 423 0.85 18.16 -7.34
CA SER A 423 1.59 18.19 -8.57
C SER A 423 2.52 16.99 -8.55
N ALA A 424 3.11 16.65 -9.70
CA ALA A 424 4.03 15.52 -9.77
C ALA A 424 5.20 15.80 -8.84
N GLU A 425 5.60 17.07 -8.76
CA GLU A 425 6.71 17.45 -7.89
C GLU A 425 6.38 17.13 -6.43
N ASP A 426 5.18 17.50 -5.99
CA ASP A 426 4.73 17.26 -4.62
C ASP A 426 4.86 15.79 -4.23
N LEU A 427 4.33 14.92 -5.09
CA LEU A 427 4.37 13.48 -4.86
C LEU A 427 5.81 12.96 -4.90
N GLY A 428 6.55 13.36 -5.92
CA GLY A 428 7.93 12.93 -6.06
C GLY A 428 8.87 13.34 -4.96
N ARG A 429 8.60 14.48 -4.32
CA ARG A 429 9.46 14.97 -3.26
C ARG A 429 9.08 14.47 -1.87
N ALA A 430 7.90 13.86 -1.75
CA ALA A 430 7.46 13.36 -0.45
C ALA A 430 8.34 12.19 -0.02
N PRO A 431 8.53 12.03 1.29
CA PRO A 431 9.36 10.92 1.77
C PRO A 431 8.69 9.58 1.49
N HIS A 432 9.48 8.60 1.06
CA HIS A 432 8.99 7.25 0.79
C HIS A 432 9.97 6.26 1.40
N ALA A 433 9.43 5.27 2.11
CA ALA A 433 10.25 4.26 2.75
C ALA A 433 11.08 3.47 1.74
N HIS A 434 12.32 3.17 2.10
CA HIS A 434 13.19 2.37 1.24
C HIS A 434 13.57 1.12 2.03
N PRO A 435 13.45 -0.06 1.40
CA PRO A 435 12.99 -0.30 0.03
C PRO A 435 11.51 -0.69 0.03
N SER A 436 10.69 0.05 -0.72
CA SER A 436 9.25 -0.23 -0.77
C SER A 436 8.72 -0.05 -2.19
N LEU A 437 7.58 -0.66 -2.48
CA LEU A 437 7.00 -0.51 -3.82
C LEU A 437 6.51 0.92 -4.04
N SER A 438 6.28 1.65 -2.95
CA SER A 438 5.82 3.02 -3.09
C SER A 438 6.86 3.89 -3.80
N GLU A 439 8.13 3.48 -3.76
CA GLU A 439 9.17 4.24 -4.42
C GLU A 439 9.00 4.23 -5.93
N ILE A 440 8.28 3.24 -6.44
CA ILE A 440 8.05 3.15 -7.88
C ILE A 440 7.16 4.33 -8.27
N LEU A 441 6.18 4.61 -7.43
CA LEU A 441 5.26 5.73 -7.66
C LEU A 441 6.03 7.05 -7.52
N LYS A 442 6.89 7.12 -6.51
CA LYS A 442 7.69 8.32 -6.29
C LYS A 442 8.55 8.61 -7.51
N GLU A 443 9.23 7.59 -8.03
CA GLU A 443 10.08 7.75 -9.19
C GLU A 443 9.29 8.11 -10.45
N ALA A 444 8.08 7.58 -10.56
CA ALA A 444 7.25 7.89 -11.73
C ALA A 444 6.86 9.36 -11.67
N ALA A 445 6.56 9.85 -10.47
CA ALA A 445 6.19 11.24 -10.26
C ALA A 445 7.35 12.16 -10.60
N LEU A 446 8.55 11.83 -10.11
CA LEU A 446 9.73 12.63 -10.40
C LEU A 446 9.98 12.69 -11.90
N ALA A 447 9.84 11.55 -12.57
CA ALA A 447 10.06 11.49 -14.01
C ALA A 447 9.07 12.39 -14.75
N ALA A 448 7.82 12.40 -14.28
CA ALA A 448 6.78 13.21 -14.89
C ALA A 448 7.10 14.70 -14.69
N TRP A 449 7.44 15.05 -13.46
CA TRP A 449 7.77 16.42 -13.11
C TRP A 449 8.98 16.90 -13.90
N GLU A 450 9.98 16.05 -14.02
CA GLU A 450 11.22 16.38 -14.72
C GLU A 450 11.19 16.16 -16.23
N ARG A 451 9.99 15.97 -16.79
CA ARG A 451 9.83 15.77 -18.23
C ARG A 451 9.98 17.13 -18.91
N PRO A 452 10.54 17.16 -20.13
CA PRO A 452 10.74 18.40 -20.87
C PRO A 452 9.41 19.09 -21.24
N MET B 1 39.29 20.94 -10.18
CA MET B 1 38.72 20.20 -9.02
C MET B 1 37.22 19.96 -9.21
N TYR B 2 36.62 19.27 -8.26
CA TYR B 2 35.19 18.98 -8.30
C TYR B 2 34.38 20.11 -7.70
N ASP B 3 33.10 20.17 -8.05
CA ASP B 3 32.21 21.16 -7.47
C ASP B 3 31.82 20.54 -6.14
N LEU B 4 31.61 19.23 -6.16
CA LEU B 4 31.22 18.49 -4.96
C LEU B 4 31.96 17.17 -4.84
N LEU B 5 32.50 16.91 -3.66
CA LEU B 5 33.20 15.66 -3.40
C LEU B 5 32.38 14.94 -2.33
N VAL B 6 31.92 13.73 -2.64
CA VAL B 6 31.14 12.96 -1.68
C VAL B 6 31.95 11.81 -1.11
N ILE B 7 31.96 11.68 0.21
CA ILE B 7 32.69 10.60 0.86
C ILE B 7 31.64 9.59 1.34
N GLY B 8 31.62 8.43 0.70
CA GLY B 8 30.65 7.41 1.06
C GLY B 8 29.64 7.26 -0.06
N ALA B 9 29.39 6.03 -0.48
CA ALA B 9 28.44 5.77 -1.57
C ALA B 9 27.21 4.99 -1.14
N GLY B 10 26.73 5.25 0.07
CA GLY B 10 25.53 4.60 0.55
C GLY B 10 24.34 5.41 0.08
N PRO B 11 23.12 5.11 0.57
CA PRO B 11 21.90 5.83 0.20
C PRO B 11 22.04 7.34 0.27
N GLY B 12 22.78 7.83 1.26
CA GLY B 12 22.96 9.27 1.37
C GLY B 12 23.90 9.81 0.31
N GLY B 13 25.09 9.23 0.22
CA GLY B 13 26.07 9.68 -0.76
C GLY B 13 25.71 9.48 -2.21
N TYR B 14 25.18 8.31 -2.58
CA TYR B 14 24.88 8.11 -4.00
C TYR B 14 23.68 8.89 -4.49
N VAL B 15 22.69 9.12 -3.64
CA VAL B 15 21.54 9.90 -4.06
C VAL B 15 21.96 11.37 -4.12
N ALA B 16 22.76 11.79 -3.15
CA ALA B 16 23.23 13.17 -3.13
C ALA B 16 24.00 13.44 -4.43
N ALA B 17 24.86 12.50 -4.80
CA ALA B 17 25.67 12.61 -6.01
C ALA B 17 24.81 12.77 -7.25
N ILE B 18 23.79 11.93 -7.38
CA ILE B 18 22.91 11.98 -8.53
C ILE B 18 22.16 13.31 -8.58
N ARG B 19 21.63 13.75 -7.44
CA ARG B 19 20.90 15.01 -7.40
C ARG B 19 21.83 16.17 -7.73
N ALA B 20 23.06 16.11 -7.24
CA ALA B 20 24.05 17.14 -7.51
C ALA B 20 24.31 17.23 -9.01
N ALA B 21 24.41 16.08 -9.67
CA ALA B 21 24.66 16.04 -11.10
C ALA B 21 23.47 16.63 -11.87
N GLN B 22 22.25 16.33 -11.41
CA GLN B 22 21.04 16.85 -12.06
C GLN B 22 21.01 18.37 -11.96
N LEU B 23 21.66 18.91 -10.93
CA LEU B 23 21.70 20.34 -10.71
C LEU B 23 22.86 21.02 -11.43
N GLY B 24 23.65 20.23 -12.16
CA GLY B 24 24.75 20.78 -12.91
C GLY B 24 26.13 20.76 -12.29
N MET B 25 26.28 20.11 -11.13
CA MET B 25 27.58 20.05 -10.47
C MET B 25 28.45 18.93 -11.06
N LYS B 26 29.76 19.10 -10.97
CA LYS B 26 30.72 18.10 -11.42
C LYS B 26 30.98 17.35 -10.11
N VAL B 27 30.55 16.09 -10.06
CA VAL B 27 30.70 15.31 -8.82
C VAL B 27 31.71 14.17 -8.83
N GLY B 28 32.35 14.01 -7.67
CA GLY B 28 33.30 12.94 -7.48
C GLY B 28 32.87 12.22 -6.22
N VAL B 29 32.94 10.90 -6.21
CA VAL B 29 32.55 10.12 -5.04
C VAL B 29 33.67 9.17 -4.61
N VAL B 30 33.97 9.16 -3.32
CA VAL B 30 35.01 8.27 -2.80
C VAL B 30 34.35 7.19 -1.94
N GLU B 31 34.62 5.93 -2.27
CA GLU B 31 34.05 4.81 -1.53
C GLU B 31 35.15 3.77 -1.35
N LYS B 32 35.32 3.30 -0.11
CA LYS B 32 36.36 2.32 0.19
C LYS B 32 36.01 0.88 -0.20
N GLU B 33 34.73 0.56 -0.23
CA GLU B 33 34.31 -0.79 -0.61
C GLU B 33 34.31 -0.91 -2.14
N LYS B 34 34.46 -2.13 -2.63
CA LYS B 34 34.47 -2.38 -4.07
C LYS B 34 33.15 -2.01 -4.74
N ALA B 35 32.04 -2.40 -4.11
CA ALA B 35 30.72 -2.11 -4.65
C ALA B 35 30.08 -0.89 -4.00
N LEU B 36 29.30 -0.16 -4.78
CA LEU B 36 28.59 1.02 -4.31
C LEU B 36 27.29 0.56 -3.67
N GLY B 37 26.62 1.46 -2.96
CA GLY B 37 25.36 1.09 -2.33
C GLY B 37 25.35 1.21 -0.81
N GLY B 38 26.55 1.22 -0.23
CA GLY B 38 26.69 1.34 1.22
C GLY B 38 26.15 0.18 2.02
N THR B 39 25.83 0.45 3.29
CA THR B 39 25.31 -0.56 4.20
C THR B 39 24.01 -1.16 3.67
N CYS B 40 23.09 -0.28 3.30
CA CYS B 40 21.78 -0.68 2.81
C CYS B 40 21.80 -1.69 1.68
N LEU B 41 22.54 -1.39 0.60
CA LEU B 41 22.58 -2.30 -0.53
C LEU B 41 23.48 -3.53 -0.35
N ARG B 42 24.65 -3.33 0.25
CA ARG B 42 25.59 -4.43 0.46
C ARG B 42 25.26 -5.42 1.58
N VAL B 43 24.89 -4.91 2.75
CA VAL B 43 24.63 -5.77 3.89
C VAL B 43 23.49 -5.29 4.77
N GLY B 44 22.57 -4.53 4.20
CA GLY B 44 21.48 -4.00 5.00
C GLY B 44 20.09 -4.24 4.46
N CYS B 45 19.41 -3.14 4.14
CA CYS B 45 18.04 -3.18 3.63
C CYS B 45 17.76 -4.23 2.56
N ILE B 46 18.54 -4.18 1.49
CA ILE B 46 18.32 -5.06 0.35
C ILE B 46 18.44 -6.55 0.66
N PRO B 47 19.61 -7.02 1.14
CA PRO B 47 19.67 -8.46 1.42
C PRO B 47 18.67 -8.90 2.51
N SER B 48 18.46 -8.06 3.51
CA SER B 48 17.52 -8.43 4.58
C SER B 48 16.08 -8.53 4.03
N LYS B 49 15.69 -7.59 3.18
CA LYS B 49 14.35 -7.64 2.62
C LYS B 49 14.18 -8.82 1.66
N ALA B 50 15.25 -9.20 0.96
CA ALA B 50 15.17 -10.35 0.06
C ALA B 50 14.87 -11.58 0.92
N LEU B 51 15.59 -11.72 2.04
CA LEU B 51 15.37 -12.86 2.93
C LEU B 51 14.00 -12.82 3.60
N LEU B 52 13.56 -11.64 4.02
CA LEU B 52 12.26 -11.54 4.68
C LEU B 52 11.11 -11.88 3.75
N GLU B 53 11.13 -11.34 2.53
CA GLU B 53 10.06 -11.61 1.59
C GLU B 53 9.96 -13.09 1.24
N THR B 54 11.09 -13.71 0.93
CA THR B 54 11.10 -15.11 0.55
C THR B 54 10.81 -16.08 1.70
N THR B 55 11.34 -15.81 2.89
CA THR B 55 11.08 -16.72 4.01
C THR B 55 9.62 -16.64 4.44
N GLU B 56 9.01 -15.48 4.28
CA GLU B 56 7.61 -15.35 4.67
C GLU B 56 6.73 -16.26 3.82
N ARG B 57 7.04 -16.37 2.54
CA ARG B 57 6.24 -17.24 1.65
C ARG B 57 6.45 -18.71 2.01
N ILE B 58 7.69 -19.06 2.32
CA ILE B 58 8.02 -20.44 2.70
C ILE B 58 7.32 -20.77 4.02
N TYR B 59 7.40 -19.84 4.96
CA TYR B 59 6.77 -20.03 6.28
C TYR B 59 5.27 -20.25 6.15
N GLU B 60 4.60 -19.43 5.34
CA GLU B 60 3.17 -19.58 5.17
C GLU B 60 2.81 -20.93 4.54
N ALA B 61 3.65 -21.42 3.64
CA ALA B 61 3.42 -22.70 2.99
C ALA B 61 3.53 -23.83 4.02
N LYS B 62 4.45 -23.67 4.97
CA LYS B 62 4.63 -24.69 6.00
C LYS B 62 3.49 -24.66 7.00
N LYS B 63 3.03 -23.48 7.36
CA LYS B 63 1.93 -23.35 8.31
C LYS B 63 0.65 -23.89 7.69
N GLY B 64 0.52 -23.73 6.38
CA GLY B 64 -0.66 -24.20 5.68
C GLY B 64 -1.34 -23.08 4.90
N LEU B 65 -1.84 -23.40 3.72
CA LEU B 65 -2.52 -22.42 2.90
C LEU B 65 -4.02 -22.66 2.87
N LEU B 66 -4.80 -21.59 3.00
CA LEU B 66 -6.25 -21.73 2.98
C LEU B 66 -6.69 -22.35 1.65
N GLY B 67 -7.54 -23.36 1.73
CA GLY B 67 -8.04 -24.01 0.54
C GLY B 67 -7.15 -25.04 -0.11
N ALA B 68 -6.06 -25.42 0.56
CA ALA B 68 -5.17 -26.41 -0.02
C ALA B 68 -4.41 -27.19 1.02
N LYS B 69 -3.76 -28.26 0.57
CA LYS B 69 -2.96 -29.11 1.44
C LYS B 69 -1.59 -29.24 0.79
N VAL B 70 -0.54 -29.08 1.59
CA VAL B 70 0.82 -29.20 1.08
C VAL B 70 1.47 -30.36 1.83
N LYS B 71 1.85 -31.40 1.09
CA LYS B 71 2.47 -32.57 1.70
C LYS B 71 3.82 -32.25 2.32
N GLY B 72 4.57 -31.37 1.69
CA GLY B 72 5.87 -31.02 2.24
C GLY B 72 6.52 -29.78 1.66
N VAL B 73 7.30 -29.11 2.49
CA VAL B 73 8.02 -27.92 2.09
C VAL B 73 9.47 -28.16 2.49
N GLU B 74 10.36 -28.21 1.50
CA GLU B 74 11.77 -28.45 1.77
C GLU B 74 12.60 -27.21 1.47
N LEU B 75 13.33 -26.74 2.47
CA LEU B 75 14.16 -25.56 2.31
C LEU B 75 15.38 -25.85 1.44
N ASP B 76 15.71 -24.90 0.56
CA ASP B 76 16.88 -25.02 -0.30
C ASP B 76 17.67 -23.76 0.04
N LEU B 77 18.44 -23.82 1.13
CA LEU B 77 19.20 -22.64 1.56
C LEU B 77 20.10 -22.04 0.50
N PRO B 78 20.82 -22.88 -0.27
CA PRO B 78 21.70 -22.31 -1.29
C PRO B 78 20.91 -21.46 -2.30
N ALA B 79 19.74 -21.94 -2.69
CA ALA B 79 18.91 -21.21 -3.65
C ALA B 79 18.38 -19.93 -3.03
N LEU B 80 18.04 -20.00 -1.75
CA LEU B 80 17.54 -18.84 -1.01
C LEU B 80 18.62 -17.77 -0.99
N MET B 81 19.85 -18.19 -0.68
CA MET B 81 20.97 -17.26 -0.62
C MET B 81 21.34 -16.76 -2.01
N ALA B 82 21.20 -17.61 -3.02
CA ALA B 82 21.53 -17.22 -4.39
C ALA B 82 20.61 -16.07 -4.83
N HIS B 83 19.33 -16.16 -4.47
CA HIS B 83 18.38 -15.11 -4.82
C HIS B 83 18.82 -13.80 -4.16
N LYS B 84 19.13 -13.87 -2.87
CA LYS B 84 19.57 -12.70 -2.11
C LYS B 84 20.79 -12.05 -2.77
N ASP B 85 21.77 -12.87 -3.10
CA ASP B 85 22.99 -12.37 -3.73
C ASP B 85 22.71 -11.77 -5.10
N LYS B 86 21.81 -12.39 -5.85
CA LYS B 86 21.47 -11.90 -7.18
C LYS B 86 20.79 -10.53 -7.10
N VAL B 87 19.93 -10.35 -6.09
CA VAL B 87 19.25 -9.08 -5.92
C VAL B 87 20.23 -7.98 -5.54
N VAL B 88 21.14 -8.28 -4.61
CA VAL B 88 22.14 -7.31 -4.19
C VAL B 88 23.00 -6.93 -5.40
N GLN B 89 23.39 -7.95 -6.16
CA GLN B 89 24.23 -7.74 -7.33
C GLN B 89 23.54 -6.81 -8.33
N ALA B 90 22.26 -7.03 -8.58
CA ALA B 90 21.50 -6.21 -9.50
C ALA B 90 21.40 -4.77 -9.02
N ASN B 91 21.18 -4.58 -7.72
CA ASN B 91 21.08 -3.26 -7.14
C ASN B 91 22.39 -2.48 -7.21
N THR B 92 23.51 -3.15 -6.88
CA THR B 92 24.80 -2.48 -6.90
C THR B 92 25.18 -2.10 -8.32
N GLN B 93 24.85 -2.96 -9.28
CA GLN B 93 25.13 -2.69 -10.68
C GLN B 93 24.29 -1.51 -11.13
N GLY B 94 23.10 -1.39 -10.54
CA GLY B 94 22.21 -0.30 -10.88
C GLY B 94 22.79 1.05 -10.51
N VAL B 95 23.40 1.14 -9.34
CA VAL B 95 23.99 2.39 -8.89
C VAL B 95 25.19 2.74 -9.76
N GLU B 96 25.97 1.73 -10.15
CA GLU B 96 27.11 1.98 -11.01
C GLU B 96 26.61 2.57 -12.33
N PHE B 97 25.52 1.99 -12.84
CA PHE B 97 24.92 2.44 -14.10
C PHE B 97 24.50 3.91 -13.98
N LEU B 98 23.82 4.25 -12.89
CA LEU B 98 23.37 5.62 -12.67
C LEU B 98 24.52 6.62 -12.54
N PHE B 99 25.62 6.21 -11.91
CA PHE B 99 26.77 7.09 -11.77
C PHE B 99 27.33 7.41 -13.15
N LYS B 100 27.55 6.37 -13.95
CA LYS B 100 28.10 6.55 -15.29
C LYS B 100 27.16 7.38 -16.17
N LYS B 101 25.86 7.11 -16.07
CA LYS B 101 24.88 7.83 -16.85
C LYS B 101 24.84 9.31 -16.49
N ASN B 102 25.06 9.62 -15.21
CA ASN B 102 25.03 11.00 -14.73
C ASN B 102 26.38 11.71 -14.72
N GLY B 103 27.41 11.04 -15.24
CA GLY B 103 28.73 11.64 -15.30
C GLY B 103 29.38 11.86 -13.95
N ILE B 104 29.15 10.93 -13.04
CA ILE B 104 29.71 11.00 -11.69
C ILE B 104 30.99 10.17 -11.64
N ALA B 105 32.09 10.81 -11.25
CA ALA B 105 33.38 10.14 -11.17
C ALA B 105 33.49 9.38 -9.85
N ARG B 106 34.07 8.18 -9.91
CA ARG B 106 34.22 7.36 -8.71
C ARG B 106 35.68 7.06 -8.39
N HIS B 107 36.01 7.13 -7.10
CA HIS B 107 37.36 6.86 -6.63
C HIS B 107 37.25 5.73 -5.60
N GLN B 108 38.15 4.76 -5.65
CA GLN B 108 38.08 3.66 -4.70
C GLN B 108 39.19 3.71 -3.66
N GLY B 109 38.78 3.83 -2.40
CA GLY B 109 39.73 3.88 -1.31
C GLY B 109 39.14 4.60 -0.12
N THR B 110 39.95 4.75 0.93
CA THR B 110 39.52 5.43 2.15
C THR B 110 39.88 6.91 2.04
N ALA B 111 38.87 7.76 2.14
CA ALA B 111 39.07 9.20 2.07
C ALA B 111 39.47 9.72 3.45
N ARG B 112 40.46 10.61 3.47
CA ARG B 112 40.95 11.19 4.71
C ARG B 112 41.23 12.65 4.48
N PHE B 113 40.74 13.51 5.37
CA PHE B 113 40.95 14.94 5.22
C PHE B 113 42.41 15.33 5.43
N LEU B 114 42.93 16.18 4.55
CA LEU B 114 44.28 16.67 4.66
C LEU B 114 44.14 18.11 5.17
N SER B 115 43.01 18.71 4.81
CA SER B 115 42.68 20.08 5.22
C SER B 115 41.18 20.27 5.04
N GLU B 116 40.72 21.51 5.13
CA GLU B 116 39.30 21.82 4.97
C GLU B 116 38.80 21.60 3.55
N ARG B 117 39.68 21.68 2.57
CA ARG B 117 39.27 21.51 1.18
C ARG B 117 39.99 20.43 0.39
N LYS B 118 40.91 19.72 1.04
CA LYS B 118 41.64 18.66 0.34
C LYS B 118 41.49 17.31 1.02
N VAL B 119 41.19 16.30 0.21
CA VAL B 119 41.00 14.94 0.70
C VAL B 119 41.95 13.95 0.03
N LEU B 120 42.53 13.08 0.84
CA LEU B 120 43.46 12.06 0.34
C LEU B 120 42.77 10.70 0.23
N VAL B 121 43.01 10.02 -0.87
CA VAL B 121 42.47 8.68 -1.08
C VAL B 121 43.66 7.80 -0.69
N GLU B 122 43.66 7.36 0.56
CA GLU B 122 44.73 6.54 1.13
C GLU B 122 45.38 5.54 0.18
N GLU B 123 44.60 4.61 -0.34
CA GLU B 123 45.10 3.57 -1.24
C GLU B 123 45.78 4.07 -2.51
N THR B 124 45.10 4.90 -3.28
CA THR B 124 45.66 5.41 -4.53
C THR B 124 46.71 6.50 -4.35
N GLY B 125 46.47 7.39 -3.40
CA GLY B 125 47.40 8.48 -3.15
C GLY B 125 46.93 9.76 -3.79
N GLU B 126 45.72 9.72 -4.36
CA GLU B 126 45.15 10.88 -5.02
C GLU B 126 44.75 11.93 -3.98
N GLU B 127 45.00 13.20 -4.29
CA GLU B 127 44.63 14.28 -3.39
C GLU B 127 43.57 15.08 -4.14
N LEU B 128 42.33 14.92 -3.72
CA LEU B 128 41.21 15.59 -4.37
C LEU B 128 40.77 16.87 -3.67
N GLU B 129 40.32 17.83 -4.47
CA GLU B 129 39.84 19.10 -3.96
C GLU B 129 38.44 19.34 -4.49
N ALA B 130 37.67 20.16 -3.79
CA ALA B 130 36.31 20.46 -4.21
C ALA B 130 35.80 21.71 -3.52
N ARG B 131 34.82 22.36 -4.13
CA ARG B 131 34.24 23.56 -3.56
C ARG B 131 33.42 23.14 -2.34
N TYR B 132 32.66 22.06 -2.48
CA TYR B 132 31.84 21.54 -1.40
C TYR B 132 32.22 20.09 -1.13
N ILE B 133 32.19 19.70 0.14
CA ILE B 133 32.49 18.32 0.51
C ILE B 133 31.33 17.79 1.35
N LEU B 134 30.87 16.58 1.01
CA LEU B 134 29.76 15.95 1.71
C LEU B 134 30.21 14.67 2.38
N ILE B 135 30.12 14.64 3.71
CA ILE B 135 30.51 13.48 4.48
C ILE B 135 29.28 12.58 4.65
N ALA B 136 29.33 11.39 4.09
CA ALA B 136 28.23 10.44 4.19
C ALA B 136 28.84 9.07 4.46
N THR B 137 29.63 9.01 5.53
CA THR B 137 30.36 7.82 5.90
C THR B 137 29.55 6.73 6.62
N GLY B 138 28.28 7.00 6.87
CA GLY B 138 27.40 6.02 7.49
C GLY B 138 27.65 5.52 8.89
N SER B 139 27.35 4.23 9.08
CA SER B 139 27.48 3.60 10.39
C SER B 139 28.11 2.22 10.35
N ALA B 140 28.25 1.61 11.53
CA ALA B 140 28.82 0.29 11.67
C ALA B 140 28.12 -0.35 12.86
N PRO B 141 28.19 -1.69 12.97
CA PRO B 141 27.53 -2.36 14.09
C PRO B 141 28.18 -1.93 15.41
N LEU B 142 27.37 -1.77 16.46
CA LEU B 142 27.90 -1.41 17.77
C LEU B 142 28.30 -2.73 18.43
N ILE B 143 29.57 -2.86 18.78
CA ILE B 143 30.05 -4.08 19.43
C ILE B 143 30.71 -3.75 20.76
N PRO B 144 29.95 -3.85 21.86
CA PRO B 144 30.49 -3.56 23.19
C PRO B 144 31.64 -4.50 23.53
N PRO B 145 32.56 -4.07 24.41
CA PRO B 145 33.70 -4.90 24.79
C PRO B 145 33.30 -6.27 25.33
N TRP B 146 32.14 -6.35 25.99
CA TRP B 146 31.67 -7.62 26.54
C TRP B 146 31.17 -8.63 25.50
N ALA B 147 30.94 -8.16 24.27
CA ALA B 147 30.47 -9.05 23.21
C ALA B 147 31.68 -9.46 22.36
N GLN B 148 32.16 -10.69 22.59
CA GLN B 148 33.32 -11.18 21.85
C GLN B 148 32.94 -11.75 20.49
N VAL B 149 32.68 -10.85 19.55
CA VAL B 149 32.32 -11.22 18.19
C VAL B 149 33.50 -11.81 17.44
N ASP B 150 33.33 -13.01 16.88
CA ASP B 150 34.39 -13.66 16.12
C ASP B 150 33.97 -13.81 14.66
N TYR B 151 32.81 -13.24 14.35
CA TYR B 151 32.24 -13.25 13.00
C TYR B 151 31.93 -14.63 12.43
N GLU B 152 31.79 -15.62 13.31
CA GLU B 152 31.47 -16.98 12.90
C GLU B 152 30.36 -17.52 13.80
N ARG B 153 30.67 -17.67 15.08
CA ARG B 153 29.73 -18.16 16.07
C ARG B 153 28.97 -16.98 16.71
N VAL B 154 29.71 -15.92 17.03
CA VAL B 154 29.13 -14.71 17.60
C VAL B 154 29.29 -13.69 16.48
N VAL B 155 28.17 -13.29 15.88
CA VAL B 155 28.22 -12.41 14.73
C VAL B 155 27.42 -11.11 14.79
N THR B 156 27.57 -10.31 13.73
CA THR B 156 26.83 -9.06 13.58
C THR B 156 25.79 -9.36 12.51
N SER B 157 24.97 -8.38 12.18
CA SER B 157 23.93 -8.56 11.17
C SER B 157 24.48 -9.05 9.83
N THR B 158 25.68 -8.61 9.47
CA THR B 158 26.29 -9.00 8.20
C THR B 158 26.40 -10.52 8.05
N GLU B 159 26.94 -11.20 9.06
CA GLU B 159 27.09 -12.65 8.98
C GLU B 159 25.76 -13.39 9.16
N ALA B 160 24.83 -12.78 9.89
CA ALA B 160 23.53 -13.39 10.12
C ALA B 160 22.70 -13.45 8.83
N LEU B 161 23.13 -12.70 7.82
CA LEU B 161 22.43 -12.70 6.54
C LEU B 161 22.97 -13.83 5.67
N SER B 162 24.02 -14.50 6.13
CA SER B 162 24.65 -15.56 5.35
C SER B 162 25.00 -16.87 6.06
N PHE B 163 24.29 -17.21 7.13
CA PHE B 163 24.58 -18.45 7.85
C PHE B 163 24.62 -19.61 6.84
N PRO B 164 25.63 -20.49 6.93
CA PRO B 164 25.80 -21.64 6.04
C PRO B 164 24.72 -22.70 6.20
N GLU B 165 24.02 -22.67 7.34
CA GLU B 165 22.94 -23.60 7.61
C GLU B 165 22.02 -22.96 8.63
N VAL B 166 20.76 -23.38 8.66
CA VAL B 166 19.83 -22.83 9.63
C VAL B 166 20.33 -23.23 11.01
N PRO B 167 20.54 -22.25 11.90
CA PRO B 167 21.02 -22.62 13.23
C PRO B 167 19.99 -23.42 14.02
N LYS B 168 20.47 -24.29 14.90
CA LYS B 168 19.59 -25.10 15.74
C LYS B 168 18.97 -24.12 16.74
N ARG B 169 19.79 -23.22 17.24
CA ARG B 169 19.33 -22.20 18.17
C ARG B 169 20.08 -20.91 17.90
N LEU B 170 19.33 -19.83 17.71
CA LEU B 170 19.93 -18.53 17.48
C LEU B 170 19.52 -17.60 18.61
N ILE B 171 20.49 -17.08 19.34
CA ILE B 171 20.18 -16.15 20.40
C ILE B 171 20.46 -14.77 19.82
N VAL B 172 19.50 -13.87 19.96
CA VAL B 172 19.61 -12.51 19.45
C VAL B 172 19.72 -11.55 20.64
N VAL B 173 20.83 -10.84 20.73
CA VAL B 173 21.02 -9.87 21.80
C VAL B 173 20.61 -8.51 21.27
N GLY B 174 19.50 -7.99 21.78
CA GLY B 174 19.00 -6.70 21.34
C GLY B 174 17.68 -6.89 20.62
N GLY B 175 16.63 -6.28 21.15
CA GLY B 175 15.31 -6.42 20.54
C GLY B 175 14.92 -5.24 19.70
N GLY B 176 15.86 -4.74 18.89
CA GLY B 176 15.60 -3.62 18.01
C GLY B 176 15.14 -4.13 16.66
N VAL B 177 15.09 -3.26 15.65
CA VAL B 177 14.64 -3.68 14.33
C VAL B 177 15.51 -4.77 13.71
N ILE B 178 16.83 -4.60 13.75
CA ILE B 178 17.71 -5.62 13.16
C ILE B 178 17.56 -6.97 13.85
N GLY B 179 17.54 -6.94 15.18
CA GLY B 179 17.41 -8.16 15.95
C GLY B 179 16.12 -8.92 15.64
N LEU B 180 15.01 -8.21 15.61
CA LEU B 180 13.73 -8.85 15.34
C LEU B 180 13.62 -9.34 13.90
N GLU B 181 14.02 -8.51 12.94
CA GLU B 181 13.94 -8.91 11.55
C GLU B 181 14.76 -10.16 11.24
N LEU B 182 16.02 -10.18 11.69
CA LEU B 182 16.86 -11.33 11.42
C LEU B 182 16.48 -12.53 12.28
N GLY B 183 15.92 -12.27 13.47
CA GLY B 183 15.49 -13.36 14.32
C GLY B 183 14.32 -14.04 13.62
N VAL B 184 13.42 -13.23 13.07
CA VAL B 184 12.26 -13.75 12.37
C VAL B 184 12.68 -14.56 11.14
N VAL B 185 13.63 -14.04 10.37
CA VAL B 185 14.11 -14.74 9.18
C VAL B 185 14.50 -16.19 9.53
N TRP B 186 15.35 -16.35 10.53
CA TRP B 186 15.79 -17.69 10.89
C TRP B 186 14.76 -18.52 11.64
N HIS B 187 13.85 -17.86 12.36
CA HIS B 187 12.80 -18.59 13.06
C HIS B 187 11.91 -19.28 12.02
N ARG B 188 11.61 -18.56 10.95
CA ARG B 188 10.77 -19.09 9.89
C ARG B 188 11.38 -20.32 9.24
N LEU B 189 12.70 -20.40 9.25
CA LEU B 189 13.38 -21.53 8.65
C LEU B 189 13.64 -22.68 9.62
N GLY B 190 13.09 -22.58 10.81
CA GLY B 190 13.23 -23.67 11.78
C GLY B 190 14.14 -23.47 12.99
N ALA B 191 14.86 -22.36 13.07
CA ALA B 191 15.74 -22.15 14.22
C ALA B 191 14.95 -21.79 15.47
N GLU B 192 15.43 -22.23 16.61
CA GLU B 192 14.79 -21.88 17.87
C GLU B 192 15.40 -20.50 18.12
N VAL B 193 14.56 -19.47 18.20
CA VAL B 193 15.07 -18.12 18.39
C VAL B 193 14.71 -17.49 19.72
N ILE B 194 15.73 -16.98 20.40
CA ILE B 194 15.55 -16.32 21.69
C ILE B 194 16.07 -14.89 21.59
N VAL B 195 15.17 -13.92 21.78
CA VAL B 195 15.54 -12.52 21.73
C VAL B 195 15.65 -11.96 23.15
N LEU B 196 16.82 -11.43 23.49
CA LEU B 196 17.05 -10.86 24.82
C LEU B 196 17.12 -9.34 24.70
N GLU B 197 16.21 -8.66 25.40
CA GLU B 197 16.14 -7.20 25.36
C GLU B 197 16.26 -6.60 26.76
N TYR B 198 17.14 -5.63 26.88
CA TYR B 198 17.42 -4.95 28.14
C TYR B 198 16.23 -4.14 28.67
N MET B 199 15.59 -3.39 27.77
CA MET B 199 14.46 -2.56 28.15
C MET B 199 13.17 -3.35 28.38
N ASP B 200 12.15 -2.64 28.85
CA ASP B 200 10.85 -3.24 29.16
C ASP B 200 10.01 -3.44 27.90
N ARG B 201 10.55 -3.05 26.75
CA ARG B 201 9.84 -3.17 25.48
C ARG B 201 10.84 -3.36 24.34
N ILE B 202 10.37 -3.84 23.19
CA ILE B 202 11.22 -4.04 22.03
C ILE B 202 10.90 -2.90 21.05
N LEU B 203 11.64 -2.83 19.95
CA LEU B 203 11.43 -1.81 18.93
C LEU B 203 11.27 -0.42 19.53
N PRO B 204 12.38 0.15 20.03
CA PRO B 204 12.44 1.47 20.67
C PRO B 204 11.95 2.68 19.86
N THR B 205 11.94 2.60 18.54
CA THR B 205 11.49 3.74 17.74
C THR B 205 9.99 3.74 17.42
N MET B 206 9.33 2.64 17.73
CA MET B 206 7.90 2.53 17.46
C MET B 206 7.06 3.12 18.60
N ASP B 207 5.78 3.34 18.33
CA ASP B 207 4.87 3.85 19.33
C ASP B 207 4.78 2.73 20.36
N LEU B 208 4.70 3.07 21.64
CA LEU B 208 4.67 2.05 22.68
C LEU B 208 3.58 0.99 22.55
N GLU B 209 2.37 1.42 22.20
CA GLU B 209 1.28 0.46 22.05
C GLU B 209 1.64 -0.53 20.95
N VAL B 210 2.27 -0.04 19.89
CA VAL B 210 2.67 -0.87 18.77
C VAL B 210 3.78 -1.84 19.15
N SER B 211 4.76 -1.37 19.94
CA SER B 211 5.86 -2.22 20.37
C SER B 211 5.33 -3.37 21.22
N ARG B 212 4.36 -3.08 22.08
CA ARG B 212 3.77 -4.10 22.93
C ARG B 212 2.98 -5.12 22.12
N ALA B 213 2.26 -4.65 21.10
CA ALA B 213 1.48 -5.53 20.25
C ALA B 213 2.42 -6.44 19.47
N ALA B 214 3.54 -5.87 19.00
CA ALA B 214 4.53 -6.62 18.25
C ALA B 214 5.11 -7.75 19.10
N GLU B 215 5.45 -7.41 20.34
CA GLU B 215 6.02 -8.41 21.24
C GLU B 215 5.04 -9.58 21.38
N ARG B 216 3.77 -9.26 21.54
CA ARG B 216 2.74 -10.28 21.70
C ARG B 216 2.62 -11.16 20.45
N VAL B 217 2.61 -10.53 19.28
CA VAL B 217 2.49 -11.25 18.02
C VAL B 217 3.66 -12.20 17.76
N PHE B 218 4.88 -11.71 17.96
CA PHE B 218 6.07 -12.53 17.73
C PHE B 218 6.16 -13.69 18.70
N LYS B 219 5.71 -13.49 19.94
CA LYS B 219 5.75 -14.58 20.92
C LYS B 219 4.77 -15.65 20.45
N LYS B 220 3.63 -15.21 19.94
CA LYS B 220 2.58 -16.10 19.46
C LYS B 220 3.09 -16.91 18.26
N GLN B 221 3.95 -16.29 17.45
CA GLN B 221 4.49 -16.98 16.28
C GLN B 221 5.50 -18.04 16.70
N GLY B 222 6.04 -17.92 17.90
CA GLY B 222 7.01 -18.92 18.35
C GLY B 222 8.37 -18.41 18.79
N LEU B 223 8.62 -17.12 18.66
CA LEU B 223 9.91 -16.60 19.12
C LEU B 223 9.83 -16.37 20.61
N THR B 224 10.93 -16.64 21.32
CA THR B 224 10.96 -16.37 22.75
C THR B 224 11.50 -14.95 22.85
N ILE B 225 10.77 -14.08 23.54
CA ILE B 225 11.21 -12.70 23.69
C ILE B 225 11.23 -12.38 25.19
N ARG B 226 12.42 -12.15 25.72
CA ARG B 226 12.59 -11.83 27.13
C ARG B 226 13.08 -10.40 27.29
N THR B 227 12.23 -9.54 27.83
CA THR B 227 12.58 -8.14 28.06
C THR B 227 13.08 -7.99 29.49
N GLY B 228 13.66 -6.83 29.79
CA GLY B 228 14.17 -6.59 31.13
C GLY B 228 15.37 -7.46 31.43
N VAL B 229 16.08 -7.86 30.38
CA VAL B 229 17.25 -8.73 30.54
C VAL B 229 18.52 -8.08 30.01
N ARG B 230 19.49 -7.87 30.88
CA ARG B 230 20.75 -7.29 30.44
C ARG B 230 21.78 -8.37 30.20
N VAL B 231 22.22 -8.50 28.96
CA VAL B 231 23.24 -9.48 28.63
C VAL B 231 24.54 -8.84 29.08
N THR B 232 25.34 -9.60 29.83
CA THR B 232 26.60 -9.10 30.36
C THR B 232 27.82 -9.59 29.59
N ALA B 233 27.65 -10.67 28.83
CA ALA B 233 28.76 -11.21 28.06
C ALA B 233 28.33 -12.23 27.02
N VAL B 234 29.09 -12.29 25.94
CA VAL B 234 28.85 -13.24 24.86
C VAL B 234 30.24 -13.76 24.51
N VAL B 235 30.45 -15.06 24.67
CA VAL B 235 31.75 -15.65 24.42
C VAL B 235 31.70 -16.88 23.52
N PRO B 236 32.50 -16.89 22.45
CA PRO B 236 32.51 -18.04 21.53
C PRO B 236 32.99 -19.29 22.27
N GLU B 237 32.48 -20.44 21.84
CA GLU B 237 32.86 -21.72 22.43
C GLU B 237 33.18 -22.70 21.31
N ALA B 238 33.38 -23.97 21.67
CA ALA B 238 33.71 -25.01 20.71
C ALA B 238 32.94 -24.84 19.40
N LYS B 239 31.70 -25.30 19.39
CA LYS B 239 30.85 -25.19 18.21
C LYS B 239 29.59 -24.39 18.54
N GLY B 240 29.81 -23.22 19.13
CA GLY B 240 28.71 -22.35 19.51
C GLY B 240 29.21 -21.19 20.33
N ALA B 241 28.42 -20.78 21.31
CA ALA B 241 28.79 -19.66 22.16
C ALA B 241 27.89 -19.61 23.38
N ARG B 242 28.32 -18.89 24.41
CA ARG B 242 27.52 -18.77 25.60
C ARG B 242 27.16 -17.31 25.82
N VAL B 243 25.96 -17.09 26.34
CA VAL B 243 25.47 -15.76 26.61
C VAL B 243 25.18 -15.70 28.11
N GLU B 244 25.82 -14.75 28.79
CA GLU B 244 25.64 -14.59 30.22
C GLU B 244 24.71 -13.40 30.49
N LEU B 245 23.81 -13.58 31.44
CA LEU B 245 22.85 -12.53 31.79
C LEU B 245 23.13 -11.98 33.17
N GLU B 246 22.72 -10.74 33.41
CA GLU B 246 22.90 -10.14 34.72
C GLU B 246 22.16 -11.04 35.71
N GLY B 247 22.87 -11.49 36.76
CA GLY B 247 22.23 -12.34 37.73
C GLY B 247 22.93 -13.69 37.81
N GLY B 248 23.46 -14.16 36.69
CA GLY B 248 24.16 -15.42 36.68
C GLY B 248 23.69 -16.46 35.68
N GLU B 249 22.47 -16.33 35.19
CA GLU B 249 21.97 -17.29 34.21
C GLU B 249 22.84 -17.30 32.96
N VAL B 250 23.06 -18.49 32.42
CA VAL B 250 23.88 -18.65 31.22
C VAL B 250 23.13 -19.45 30.16
N LEU B 251 23.08 -18.91 28.94
CA LEU B 251 22.40 -19.58 27.84
C LEU B 251 23.45 -19.98 26.80
N GLU B 252 23.17 -21.05 26.06
CA GLU B 252 24.08 -21.52 25.04
C GLU B 252 23.34 -21.72 23.72
N ALA B 253 24.04 -21.48 22.61
CA ALA B 253 23.46 -21.62 21.28
C ALA B 253 24.57 -21.81 20.24
N ASP B 254 24.23 -22.36 19.09
CA ASP B 254 25.24 -22.56 18.06
C ASP B 254 25.58 -21.25 17.34
N ARG B 255 24.68 -20.26 17.43
CA ARG B 255 24.91 -18.95 16.82
C ARG B 255 24.33 -17.85 17.71
N VAL B 256 25.02 -16.71 17.79
CA VAL B 256 24.55 -15.59 18.58
C VAL B 256 24.69 -14.30 17.75
N LEU B 257 23.59 -13.58 17.60
CA LEU B 257 23.61 -12.33 16.86
C LEU B 257 23.63 -11.17 17.83
N VAL B 258 24.65 -10.32 17.73
CA VAL B 258 24.75 -9.16 18.60
C VAL B 258 24.18 -7.99 17.80
N ALA B 259 23.00 -7.53 18.20
CA ALA B 259 22.33 -6.43 17.52
C ALA B 259 21.87 -5.42 18.55
N VAL B 260 22.83 -4.84 19.26
CA VAL B 260 22.52 -3.88 20.29
C VAL B 260 22.60 -2.44 19.80
N GLY B 261 22.65 -2.28 18.47
CA GLY B 261 22.69 -0.96 17.90
C GLY B 261 23.73 -0.74 16.80
N ARG B 262 23.72 0.46 16.24
CA ARG B 262 24.67 0.84 15.22
C ARG B 262 25.19 2.22 15.57
N ARG B 263 26.46 2.47 15.27
CA ARG B 263 27.08 3.74 15.61
C ARG B 263 27.60 4.48 14.39
N PRO B 264 27.65 5.82 14.46
CA PRO B 264 28.14 6.62 13.34
C PRO B 264 29.56 6.17 13.06
N TYR B 265 29.92 6.07 11.78
CA TYR B 265 31.26 5.64 11.39
C TYR B 265 32.10 6.77 10.80
N THR B 266 33.25 7.03 11.39
CA THR B 266 34.15 8.08 10.88
C THR B 266 35.61 7.67 10.99
N GLU B 267 35.85 6.38 11.22
CA GLU B 267 37.22 5.87 11.35
C GLU B 267 38.06 6.15 10.11
N GLY B 268 39.28 6.63 10.33
CA GLY B 268 40.20 6.93 9.25
C GLY B 268 39.93 8.20 8.46
N LEU B 269 38.90 8.93 8.88
CA LEU B 269 38.51 10.17 8.20
C LEU B 269 39.38 11.37 8.56
N SER B 270 40.06 11.32 9.71
CA SER B 270 40.90 12.44 10.16
C SER B 270 40.13 13.75 10.14
N LEU B 271 38.95 13.74 10.76
CA LEU B 271 38.10 14.93 10.83
C LEU B 271 38.83 16.16 11.39
N GLU B 272 39.74 15.94 12.32
CA GLU B 272 40.47 17.05 12.95
C GLU B 272 41.21 17.93 11.95
N ASN B 273 41.66 17.34 10.84
CA ASN B 273 42.39 18.10 9.82
C ASN B 273 41.51 19.09 9.08
N ALA B 274 40.20 18.95 9.22
CA ALA B 274 39.27 19.86 8.58
C ALA B 274 38.67 20.77 9.65
N GLY B 275 39.14 20.61 10.89
CA GLY B 275 38.63 21.41 11.98
C GLY B 275 37.30 20.87 12.50
N LEU B 276 37.07 19.59 12.29
CA LEU B 276 35.82 18.96 12.72
C LEU B 276 36.04 17.92 13.81
N SER B 277 34.96 17.59 14.53
CA SER B 277 35.02 16.60 15.60
C SER B 277 33.64 15.98 15.78
N THR B 278 33.60 14.84 16.48
CA THR B 278 32.36 14.14 16.74
C THR B 278 31.89 14.37 18.16
N ASP B 279 30.58 14.22 18.39
CA ASP B 279 30.05 14.41 19.74
C ASP B 279 30.19 13.12 20.55
N GLU B 280 29.58 13.09 21.72
CA GLU B 280 29.66 11.92 22.60
C GLU B 280 29.19 10.61 21.96
N ARG B 281 28.26 10.71 21.02
CA ARG B 281 27.74 9.52 20.36
C ARG B 281 28.43 9.19 19.04
N GLY B 282 29.47 9.94 18.71
CA GLY B 282 30.20 9.71 17.47
C GLY B 282 29.62 10.41 16.26
N ARG B 283 28.59 11.22 16.46
CA ARG B 283 27.94 11.94 15.36
C ARG B 283 28.69 13.22 15.01
N ILE B 284 28.56 13.66 13.76
CA ILE B 284 29.18 14.90 13.32
C ILE B 284 28.06 15.95 13.44
N PRO B 285 28.25 16.96 14.30
CA PRO B 285 27.24 18.00 14.47
C PRO B 285 26.98 18.78 13.18
N VAL B 286 25.71 19.07 12.91
CA VAL B 286 25.33 19.83 11.72
C VAL B 286 24.21 20.81 12.10
N ASP B 287 24.09 21.90 11.33
CA ASP B 287 23.07 22.90 11.60
C ASP B 287 21.79 22.60 10.82
N GLU B 288 20.89 23.57 10.78
CA GLU B 288 19.61 23.39 10.09
C GLU B 288 19.73 23.18 8.59
N HIS B 289 20.90 23.45 8.02
CA HIS B 289 21.12 23.26 6.59
C HIS B 289 22.02 22.06 6.32
N LEU B 290 22.23 21.25 7.35
CA LEU B 290 23.08 20.06 7.27
C LEU B 290 24.55 20.42 7.08
N ARG B 291 24.89 21.66 7.39
CA ARG B 291 26.27 22.12 7.29
C ARG B 291 26.94 21.83 8.63
N THR B 292 28.23 21.50 8.59
CA THR B 292 29.00 21.26 9.81
C THR B 292 29.46 22.64 10.26
N ARG B 293 30.34 22.69 11.26
CA ARG B 293 30.84 23.98 11.74
C ARG B 293 31.66 24.66 10.64
N VAL B 294 32.12 23.87 9.68
CA VAL B 294 32.87 24.40 8.55
C VAL B 294 31.87 24.50 7.40
N PRO B 295 31.39 25.72 7.12
CA PRO B 295 30.41 26.11 6.10
C PRO B 295 30.29 25.28 4.81
N HIS B 296 31.40 25.07 4.11
CA HIS B 296 31.38 24.33 2.86
C HIS B 296 31.40 22.81 2.98
N ILE B 297 31.48 22.31 4.20
CA ILE B 297 31.49 20.87 4.43
C ILE B 297 30.17 20.47 5.08
N TYR B 298 29.45 19.54 4.44
CA TYR B 298 28.17 19.05 4.94
C TYR B 298 28.28 17.60 5.41
N ALA B 299 27.31 17.16 6.20
CA ALA B 299 27.26 15.79 6.71
C ALA B 299 25.81 15.32 6.72
N ILE B 300 25.59 14.08 6.31
CA ILE B 300 24.24 13.52 6.23
C ILE B 300 24.20 12.03 6.58
N GLY B 301 22.99 11.50 6.61
CA GLY B 301 22.83 10.07 6.86
C GLY B 301 23.09 9.59 8.28
N ASP B 302 23.47 8.31 8.37
CA ASP B 302 23.73 7.69 9.66
C ASP B 302 24.84 8.33 10.48
N VAL B 303 25.67 9.14 9.83
CA VAL B 303 26.78 9.77 10.56
C VAL B 303 26.35 11.02 11.34
N VAL B 304 25.13 11.48 11.13
CA VAL B 304 24.60 12.65 11.85
C VAL B 304 23.35 12.27 12.63
N ARG B 305 22.83 13.21 13.42
CA ARG B 305 21.64 12.97 14.25
C ARG B 305 20.40 12.54 13.47
N GLY B 306 19.51 11.82 14.15
CA GLY B 306 18.28 11.38 13.52
C GLY B 306 18.17 9.89 13.27
N PRO B 307 16.99 9.42 12.84
CA PRO B 307 16.74 8.00 12.57
C PRO B 307 17.74 7.48 11.55
N MET B 308 18.31 6.31 11.82
CA MET B 308 19.26 5.73 10.89
C MET B 308 18.46 4.90 9.90
N LEU B 309 17.98 5.59 8.86
CA LEU B 309 17.18 4.98 7.81
C LEU B 309 17.75 5.37 6.45
N ALA B 310 17.61 4.50 5.48
CA ALA B 310 18.13 4.75 4.14
C ALA B 310 17.49 5.98 3.48
N HIS B 311 16.17 6.06 3.50
CA HIS B 311 15.49 7.21 2.89
C HIS B 311 15.72 8.51 3.64
N LYS B 312 16.06 8.41 4.93
CA LYS B 312 16.34 9.59 5.72
C LYS B 312 17.67 10.14 5.19
N ALA B 313 18.63 9.24 4.98
CA ALA B 313 19.94 9.62 4.48
C ALA B 313 19.79 10.23 3.07
N SER B 314 19.00 9.58 2.22
CA SER B 314 18.81 10.07 0.86
C SER B 314 18.17 11.46 0.83
N GLU B 315 17.15 11.65 1.66
CA GLU B 315 16.47 12.93 1.73
C GLU B 315 17.42 14.03 2.20
N GLU B 316 18.30 13.69 3.14
CA GLU B 316 19.25 14.68 3.63
C GLU B 316 20.28 14.99 2.55
N GLY B 317 20.63 13.98 1.76
CA GLY B 317 21.59 14.19 0.69
C GLY B 317 21.02 15.18 -0.32
N ILE B 318 19.75 15.01 -0.65
CA ILE B 318 19.08 15.90 -1.60
C ILE B 318 19.03 17.32 -1.04
N ALA B 319 18.64 17.44 0.22
CA ALA B 319 18.55 18.74 0.88
C ALA B 319 19.91 19.43 0.96
N ALA B 320 20.96 18.65 1.21
CA ALA B 320 22.31 19.21 1.32
C ALA B 320 22.77 19.82 0.01
N VAL B 321 22.66 19.06 -1.08
CA VAL B 321 23.11 19.57 -2.38
C VAL B 321 22.24 20.71 -2.88
N GLU B 322 20.93 20.63 -2.63
CA GLU B 322 20.05 21.71 -3.08
C GLU B 322 20.40 23.00 -2.34
N HIS B 323 20.85 22.86 -1.10
CA HIS B 323 21.23 24.05 -0.34
C HIS B 323 22.52 24.62 -0.95
N MET B 324 23.41 23.73 -1.36
CA MET B 324 24.68 24.13 -1.97
C MET B 324 24.48 24.93 -3.23
N VAL B 325 23.51 24.49 -4.05
CA VAL B 325 23.23 25.13 -5.32
C VAL B 325 22.20 26.26 -5.29
N ARG B 326 21.14 26.08 -4.51
CA ARG B 326 20.07 27.07 -4.43
C ARG B 326 19.99 27.87 -3.13
N GLY B 327 20.71 27.42 -2.11
CA GLY B 327 20.69 28.12 -0.84
C GLY B 327 19.45 27.83 -0.01
N PHE B 328 18.72 26.79 -0.39
CA PHE B 328 17.51 26.39 0.31
C PHE B 328 17.68 24.98 0.85
N GLY B 329 16.67 24.13 0.67
CA GLY B 329 16.77 22.76 1.15
C GLY B 329 16.03 22.51 2.44
N HIS B 330 15.29 21.40 2.49
CA HIS B 330 14.54 21.07 3.69
C HIS B 330 14.14 19.60 3.72
N VAL B 331 14.17 19.02 4.91
CA VAL B 331 13.78 17.63 5.10
C VAL B 331 12.61 17.61 6.08
N ASP B 332 11.50 17.01 5.69
CA ASP B 332 10.35 16.93 6.58
C ASP B 332 10.48 15.65 7.39
N TYR B 333 11.16 15.76 8.53
CA TYR B 333 11.38 14.60 9.39
C TYR B 333 10.10 14.01 9.96
N GLN B 334 9.05 14.80 10.05
CA GLN B 334 7.79 14.31 10.59
C GLN B 334 7.02 13.41 9.63
N ALA B 335 7.40 13.45 8.36
CA ALA B 335 6.74 12.64 7.34
C ALA B 335 7.56 11.43 6.94
N ILE B 336 8.69 11.22 7.62
CA ILE B 336 9.57 10.08 7.31
C ILE B 336 9.07 8.81 8.01
N PRO B 337 8.68 7.80 7.23
CA PRO B 337 8.20 6.57 7.85
C PRO B 337 9.33 5.63 8.28
N SER B 338 9.06 4.85 9.32
CA SER B 338 9.99 3.86 9.82
C SER B 338 9.20 2.57 9.77
N VAL B 339 9.76 1.55 9.10
CA VAL B 339 9.04 0.28 8.95
C VAL B 339 9.88 -0.95 9.30
N VAL B 340 9.27 -1.91 9.99
CA VAL B 340 9.91 -3.17 10.36
C VAL B 340 9.28 -4.15 9.37
N TYR B 341 10.13 -4.79 8.55
CA TYR B 341 9.62 -5.68 7.52
C TYR B 341 9.34 -7.14 7.83
N THR B 342 8.85 -7.36 9.03
CA THR B 342 8.46 -8.70 9.46
C THR B 342 7.05 -8.87 8.92
N HIS B 343 6.39 -9.95 9.31
CA HIS B 343 5.01 -10.18 8.91
C HIS B 343 4.31 -10.65 10.17
N PRO B 344 3.36 -9.85 10.67
CA PRO B 344 2.94 -8.55 10.14
C PRO B 344 4.04 -7.50 10.15
N GLU B 345 3.89 -6.47 9.31
CA GLU B 345 4.86 -5.38 9.26
C GLU B 345 4.52 -4.47 10.44
N ILE B 346 5.44 -3.60 10.82
CA ILE B 346 5.27 -2.69 11.93
C ILE B 346 5.73 -1.33 11.42
N ALA B 347 4.96 -0.28 11.66
CA ALA B 347 5.36 1.02 11.14
C ALA B 347 5.00 2.22 11.99
N ALA B 348 5.74 3.31 11.76
CA ALA B 348 5.53 4.55 12.47
C ALA B 348 5.86 5.74 11.57
N VAL B 349 5.09 6.81 11.69
CA VAL B 349 5.34 8.03 10.94
C VAL B 349 4.93 9.16 11.86
N GLY B 350 5.75 10.20 11.95
CA GLY B 350 5.41 11.32 12.82
C GLY B 350 5.67 11.02 14.29
N TYR B 351 4.98 11.74 15.18
CA TYR B 351 5.17 11.56 16.61
C TYR B 351 4.44 10.36 17.21
N THR B 352 5.05 9.75 18.23
CA THR B 352 4.44 8.63 18.93
C THR B 352 3.62 9.28 20.04
N GLU B 353 2.78 8.51 20.73
CA GLU B 353 1.99 9.08 21.81
C GLU B 353 2.90 9.54 22.95
N GLU B 354 4.00 8.82 23.16
CA GLU B 354 4.94 9.17 24.21
C GLU B 354 5.56 10.53 23.94
N GLU B 355 5.88 10.80 22.68
CA GLU B 355 6.47 12.07 22.30
C GLU B 355 5.49 13.22 22.42
N LEU B 356 4.22 12.98 22.12
CA LEU B 356 3.20 14.02 22.23
C LEU B 356 2.94 14.32 23.71
N LYS B 357 2.87 13.27 24.52
CA LYS B 357 2.64 13.43 25.96
C LYS B 357 3.77 14.22 26.62
N ALA B 358 4.99 13.95 26.19
CA ALA B 358 6.17 14.62 26.73
C ALA B 358 6.22 16.10 26.37
N GLN B 359 5.66 16.45 25.21
CA GLN B 359 5.68 17.85 24.78
C GLN B 359 4.41 18.58 25.20
N GLY B 360 3.53 17.87 25.90
CA GLY B 360 2.29 18.47 26.35
C GLY B 360 1.41 18.93 25.20
N ILE B 361 1.33 18.10 24.16
CA ILE B 361 0.51 18.42 23.01
C ILE B 361 -0.82 17.67 23.09
N PRO B 362 -1.94 18.41 23.10
CA PRO B 362 -3.25 17.78 23.18
C PRO B 362 -3.58 17.08 21.86
N TYR B 363 -3.98 15.81 21.94
CA TYR B 363 -4.29 15.07 20.73
C TYR B 363 -5.44 14.11 20.89
N LYS B 364 -5.99 13.67 19.77
CA LYS B 364 -7.11 12.73 19.74
C LYS B 364 -6.58 11.46 19.11
N VAL B 365 -7.18 10.32 19.48
CA VAL B 365 -6.74 9.03 18.94
C VAL B 365 -7.84 8.32 18.16
N GLY B 366 -7.50 7.88 16.94
CA GLY B 366 -8.43 7.14 16.12
C GLY B 366 -7.77 5.81 15.82
N LYS B 367 -8.45 4.71 16.13
CA LYS B 367 -7.89 3.39 15.92
C LYS B 367 -8.87 2.45 15.21
N PHE B 368 -8.36 1.67 14.28
CA PHE B 368 -9.19 0.71 13.54
C PHE B 368 -8.40 -0.60 13.44
N PRO B 369 -9.02 -1.71 13.82
CA PRO B 369 -8.41 -3.05 13.79
C PRO B 369 -8.50 -3.76 12.45
N TYR B 370 -7.50 -4.58 12.16
CA TYR B 370 -7.50 -5.36 10.92
C TYR B 370 -8.65 -6.36 10.95
N SER B 371 -9.09 -6.72 12.15
CA SER B 371 -10.19 -7.66 12.32
C SER B 371 -11.49 -7.10 11.74
N ALA B 372 -11.57 -5.78 11.61
CA ALA B 372 -12.76 -5.14 11.08
C ALA B 372 -12.65 -4.82 9.58
N SER B 373 -11.57 -5.28 8.95
CA SER B 373 -11.34 -5.03 7.54
C SER B 373 -11.76 -6.20 6.65
N GLY B 374 -12.62 -5.90 5.68
CA GLY B 374 -13.08 -6.95 4.77
C GLY B 374 -11.93 -7.53 3.96
N ARG B 375 -11.01 -6.67 3.53
CA ARG B 375 -9.87 -7.13 2.74
C ARG B 375 -8.97 -8.00 3.60
N ALA B 376 -8.72 -7.59 4.83
CA ALA B 376 -7.87 -8.38 5.71
C ALA B 376 -8.51 -9.75 5.92
N ARG B 377 -9.80 -9.77 6.21
CA ARG B 377 -10.51 -11.02 6.42
C ARG B 377 -10.39 -11.92 5.20
N ALA B 378 -10.55 -11.33 4.02
CA ALA B 378 -10.46 -12.08 2.77
C ALA B 378 -9.09 -12.72 2.61
N MET B 379 -8.06 -12.03 3.08
CA MET B 379 -6.68 -12.51 3.01
C MET B 379 -6.41 -13.58 4.06
N GLY B 380 -7.23 -13.62 5.09
CA GLY B 380 -7.03 -14.57 6.16
C GLY B 380 -6.23 -13.92 7.27
N GLU B 381 -6.24 -12.60 7.30
CA GLU B 381 -5.54 -11.83 8.31
C GLU B 381 -6.57 -11.21 9.25
N THR B 382 -6.24 -11.15 10.53
CA THR B 382 -7.15 -10.56 11.50
C THR B 382 -6.38 -9.78 12.55
N GLU B 383 -5.07 -10.01 12.64
CA GLU B 383 -4.25 -9.33 13.63
C GLU B 383 -3.73 -7.97 13.19
N GLY B 384 -3.68 -7.03 14.12
CA GLY B 384 -3.16 -5.71 13.82
C GLY B 384 -4.16 -4.58 13.89
N PHE B 385 -3.65 -3.36 13.73
CA PHE B 385 -4.46 -2.15 13.75
C PHE B 385 -3.64 -0.98 13.25
N ILE B 386 -4.31 0.12 12.94
CA ILE B 386 -3.64 1.34 12.52
C ILE B 386 -4.22 2.42 13.43
N LYS B 387 -3.35 3.27 13.96
CA LYS B 387 -3.77 4.34 14.86
C LYS B 387 -3.36 5.69 14.28
N VAL B 388 -4.28 6.64 14.31
CA VAL B 388 -3.99 7.98 13.81
C VAL B 388 -4.07 8.95 14.99
N LEU B 389 -3.04 9.77 15.14
CA LEU B 389 -2.99 10.75 16.22
C LEU B 389 -3.21 12.12 15.57
N ALA B 390 -4.21 12.86 16.04
CA ALA B 390 -4.50 14.18 15.48
C ALA B 390 -4.59 15.25 16.55
N HIS B 391 -4.20 16.48 16.21
CA HIS B 391 -4.25 17.58 17.16
C HIS B 391 -5.69 17.81 17.63
N ALA B 392 -5.88 17.94 18.93
CA ALA B 392 -7.22 18.12 19.50
C ALA B 392 -7.92 19.40 19.06
N LYS B 393 -7.15 20.40 18.61
CA LYS B 393 -7.75 21.65 18.19
C LYS B 393 -7.79 21.84 16.68
N THR B 394 -6.65 21.63 16.03
CA THR B 394 -6.53 21.80 14.59
C THR B 394 -6.86 20.55 13.77
N ASP B 395 -6.93 19.41 14.44
CA ASP B 395 -7.22 18.14 13.77
C ASP B 395 -6.07 17.73 12.84
N ARG B 396 -4.97 18.48 12.88
CA ARG B 396 -3.84 18.14 12.03
C ARG B 396 -3.26 16.78 12.44
N ILE B 397 -2.94 15.94 11.47
CA ILE B 397 -2.38 14.63 11.77
C ILE B 397 -0.99 14.84 12.36
N LEU B 398 -0.74 14.25 13.53
CA LEU B 398 0.55 14.39 14.20
C LEU B 398 1.41 13.14 14.03
N GLY B 399 0.75 12.00 13.90
CA GLY B 399 1.46 10.74 13.72
C GLY B 399 0.51 9.61 13.36
N VAL B 400 1.05 8.58 12.71
CA VAL B 400 0.26 7.43 12.31
C VAL B 400 1.12 6.21 12.65
N HIS B 401 0.50 5.20 13.26
CA HIS B 401 1.22 4.00 13.67
C HIS B 401 0.42 2.74 13.47
N GLY B 402 1.08 1.64 13.19
CA GLY B 402 0.35 0.40 13.00
C GLY B 402 1.17 -0.85 12.98
N ILE B 403 0.47 -1.98 13.02
CA ILE B 403 1.05 -3.30 12.98
C ILE B 403 0.02 -4.12 12.21
N GLY B 404 0.49 -4.89 11.23
CA GLY B 404 -0.42 -5.69 10.44
C GLY B 404 0.16 -6.01 9.07
N ALA B 405 -0.48 -6.92 8.36
CA ALA B 405 0.00 -7.30 7.03
C ALA B 405 0.15 -6.06 6.15
N ARG B 406 1.34 -5.90 5.57
CA ARG B 406 1.66 -4.79 4.67
C ARG B 406 1.33 -3.40 5.22
N VAL B 407 1.39 -3.23 6.54
CA VAL B 407 1.05 -1.94 7.12
C VAL B 407 2.01 -0.84 6.66
N GLY B 408 3.22 -1.23 6.30
CA GLY B 408 4.19 -0.27 5.82
C GLY B 408 3.73 0.32 4.49
N ASP B 409 3.17 -0.52 3.63
CA ASP B 409 2.68 -0.06 2.34
C ASP B 409 1.49 0.86 2.56
N VAL B 410 0.65 0.50 3.53
CA VAL B 410 -0.52 1.31 3.82
C VAL B 410 -0.09 2.69 4.31
N LEU B 411 0.90 2.72 5.19
CA LEU B 411 1.36 3.99 5.74
C LEU B 411 2.13 4.89 4.79
N ALA B 412 2.35 4.44 3.56
CA ALA B 412 3.03 5.29 2.59
C ALA B 412 2.09 6.48 2.37
N GLU B 413 0.79 6.20 2.47
CA GLU B 413 -0.24 7.21 2.29
C GLU B 413 -0.22 8.17 3.48
N ALA B 414 0.03 7.63 4.67
CA ALA B 414 0.08 8.43 5.88
C ALA B 414 1.25 9.40 5.79
N ALA B 415 2.36 8.94 5.25
CA ALA B 415 3.54 9.79 5.11
C ALA B 415 3.24 10.94 4.17
N LEU B 416 2.50 10.65 3.09
CA LEU B 416 2.16 11.70 2.14
C LEU B 416 1.21 12.71 2.82
N ALA B 417 0.29 12.20 3.63
CA ALA B 417 -0.66 13.06 4.33
C ALA B 417 0.09 14.03 5.25
N LEU B 418 1.07 13.51 5.98
CA LEU B 418 1.86 14.34 6.88
C LEU B 418 2.68 15.35 6.07
N PHE B 419 3.17 14.92 4.92
CA PHE B 419 3.95 15.80 4.05
C PHE B 419 3.11 16.99 3.61
N PHE B 420 1.82 16.75 3.41
CA PHE B 420 0.91 17.80 2.99
C PHE B 420 0.22 18.51 4.17
N LYS B 421 0.70 18.23 5.39
CA LYS B 421 0.14 18.83 6.59
C LYS B 421 -1.37 18.60 6.66
N ALA B 422 -1.81 17.42 6.24
CA ALA B 422 -3.21 17.07 6.23
C ALA B 422 -3.83 16.88 7.61
N SER B 423 -5.15 17.01 7.67
CA SER B 423 -5.89 16.83 8.91
C SER B 423 -6.45 15.41 8.86
N ALA B 424 -6.93 14.91 9.99
CA ALA B 424 -7.52 13.58 10.03
C ALA B 424 -8.73 13.55 9.11
N GLU B 425 -9.47 14.66 9.08
CA GLU B 425 -10.65 14.75 8.22
C GLU B 425 -10.26 14.63 6.75
N ASP B 426 -9.18 15.30 6.36
CA ASP B 426 -8.69 15.27 4.99
C ASP B 426 -8.41 13.84 4.54
N LEU B 427 -7.70 13.10 5.36
CA LEU B 427 -7.35 11.71 5.05
C LEU B 427 -8.59 10.81 5.10
N GLY B 428 -9.42 10.99 6.12
CA GLY B 428 -10.62 10.18 6.25
C GLY B 428 -11.64 10.38 5.15
N ARG B 429 -11.66 11.60 4.58
CA ARG B 429 -12.61 11.94 3.52
C ARG B 429 -12.13 11.51 2.14
N ALA B 430 -10.82 11.29 1.99
CA ALA B 430 -10.27 10.90 0.70
C ALA B 430 -10.83 9.57 0.22
N PRO B 431 -10.95 9.40 -1.10
CA PRO B 431 -11.48 8.14 -1.64
C PRO B 431 -10.46 7.03 -1.42
N HIS B 432 -10.95 5.85 -1.03
CA HIS B 432 -10.09 4.68 -0.84
C HIS B 432 -10.79 3.50 -1.50
N ALA B 433 -10.04 2.74 -2.28
CA ALA B 433 -10.59 1.58 -2.97
C ALA B 433 -11.15 0.55 -1.99
N HIS B 434 -12.27 -0.06 -2.36
CA HIS B 434 -12.88 -1.09 -1.53
C HIS B 434 -12.89 -2.37 -2.37
N PRO B 435 -12.46 -3.50 -1.78
CA PRO B 435 -11.96 -3.66 -0.40
C PRO B 435 -10.42 -3.64 -0.41
N SER B 436 -9.82 -2.73 0.36
CA SER B 436 -8.36 -2.65 0.42
C SER B 436 -7.89 -2.37 1.84
N LEU B 437 -6.63 -2.68 2.12
CA LEU B 437 -6.11 -2.43 3.46
C LEU B 437 -6.01 -0.94 3.74
N SER B 438 -5.99 -0.12 2.70
CA SER B 438 -5.90 1.33 2.90
C SER B 438 -7.15 1.84 3.64
N GLU B 439 -8.26 1.11 3.56
CA GLU B 439 -9.47 1.55 4.23
C GLU B 439 -9.30 1.53 5.74
N ILE B 440 -8.36 0.74 6.23
CA ILE B 440 -8.09 0.66 7.65
C ILE B 440 -7.52 2.03 8.09
N LEU B 441 -6.65 2.59 7.25
CA LEU B 441 -6.07 3.91 7.54
C LEU B 441 -7.17 4.96 7.45
N LYS B 442 -8.01 4.85 6.44
CA LYS B 442 -9.11 5.79 6.25
C LYS B 442 -10.02 5.84 7.47
N GLU B 443 -10.40 4.66 7.96
CA GLU B 443 -11.28 4.56 9.13
C GLU B 443 -10.60 5.06 10.40
N ALA B 444 -9.31 4.80 10.52
CA ALA B 444 -8.57 5.27 11.69
C ALA B 444 -8.58 6.79 11.68
N ALA B 445 -8.41 7.38 10.50
CA ALA B 445 -8.40 8.84 10.34
C ALA B 445 -9.78 9.41 10.69
N LEU B 446 -10.84 8.80 10.17
CA LEU B 446 -12.19 9.26 10.47
C LEU B 446 -12.45 9.21 11.97
N ALA B 447 -12.00 8.13 12.61
CA ALA B 447 -12.20 7.97 14.05
C ALA B 447 -11.48 9.06 14.83
N ALA B 448 -10.26 9.40 14.40
CA ALA B 448 -9.49 10.44 15.08
C ALA B 448 -10.21 11.77 14.93
N TRP B 449 -10.67 12.06 13.72
CA TRP B 449 -11.39 13.30 13.42
C TRP B 449 -12.67 13.42 14.23
N GLU B 450 -13.46 12.35 14.24
CA GLU B 450 -14.73 12.33 14.94
C GLU B 450 -14.61 12.01 16.43
N ARG B 451 -13.38 11.80 16.90
CA ARG B 451 -13.14 11.49 18.30
C ARG B 451 -13.76 12.56 19.20
N PRO B 452 -14.65 12.15 20.12
CA PRO B 452 -15.31 13.09 21.04
C PRO B 452 -14.34 13.67 22.07
N LEU C 1 -7.39 24.78 -4.68
CA LEU C 1 -6.53 25.79 -3.98
C LEU C 1 -6.21 25.36 -2.55
N ALA C 2 -7.25 25.04 -1.78
CA ALA C 2 -7.09 24.63 -0.40
C ALA C 2 -7.30 23.13 -0.22
N MET C 3 -7.19 22.69 1.03
CA MET C 3 -7.39 21.28 1.35
C MET C 3 -8.89 21.00 1.45
N PRO C 4 -9.31 19.80 1.02
CA PRO C 4 -10.72 19.37 1.03
C PRO C 4 -11.50 19.66 2.32
N ALA C 5 -10.87 19.46 3.47
CA ALA C 5 -11.54 19.71 4.75
C ALA C 5 -11.68 21.21 5.00
N ALA C 6 -10.75 21.98 4.46
CA ALA C 6 -10.77 23.43 4.62
C ALA C 6 -11.95 24.00 3.85
N GLU C 7 -12.17 23.48 2.64
CA GLU C 7 -13.27 23.90 1.79
C GLU C 7 -14.60 23.56 2.45
N ARG C 8 -14.62 22.42 3.14
CA ARG C 8 -15.83 21.97 3.82
C ARG C 8 -16.14 22.90 4.99
N LEU C 9 -15.10 23.34 5.69
CA LEU C 9 -15.26 24.24 6.82
C LEU C 9 -15.67 25.63 6.36
N MET C 10 -15.14 26.07 5.23
CA MET C 10 -15.45 27.39 4.69
C MET C 10 -16.89 27.46 4.17
N GLN C 11 -17.33 26.39 3.52
CA GLN C 11 -18.69 26.36 2.98
C GLN C 11 -19.75 26.39 4.07
N GLU C 12 -19.41 25.88 5.25
CA GLU C 12 -20.36 25.87 6.36
C GLU C 12 -20.42 27.25 7.02
N LYS C 13 -19.25 27.81 7.33
CA LYS C 13 -19.19 29.12 7.98
C LYS C 13 -19.30 30.24 6.95
N GLY C 14 -19.56 29.87 5.70
CA GLY C 14 -19.69 30.86 4.65
C GLY C 14 -18.46 31.73 4.52
N VAL C 15 -17.29 31.15 4.74
CA VAL C 15 -16.03 31.89 4.65
C VAL C 15 -15.47 31.81 3.23
N SER C 16 -14.98 32.95 2.75
CA SER C 16 -14.41 33.02 1.40
C SER C 16 -12.94 32.61 1.42
N PRO C 17 -12.52 31.81 0.43
CA PRO C 17 -11.13 31.34 0.34
C PRO C 17 -10.14 32.50 0.17
N ALA C 18 -10.60 33.57 -0.48
CA ALA C 18 -9.76 34.74 -0.70
C ALA C 18 -9.61 35.55 0.58
N GLU C 19 -10.10 34.98 1.68
CA GLU C 19 -10.03 35.64 2.98
C GLU C 19 -9.01 34.97 3.90
N VAL C 20 -8.88 33.65 3.76
CA VAL C 20 -7.96 32.88 4.58
C VAL C 20 -6.57 32.79 3.95
N GLN C 21 -5.54 32.89 4.78
CA GLN C 21 -4.17 32.80 4.31
C GLN C 21 -3.67 31.36 4.46
N GLY C 22 -3.39 30.72 3.33
CA GLY C 22 -2.93 29.35 3.36
C GLY C 22 -1.52 29.17 3.89
N THR C 23 -1.35 28.23 4.81
CA THR C 23 -0.05 27.94 5.39
C THR C 23 0.35 26.50 5.08
N GLY C 24 -0.46 25.84 4.25
CA GLY C 24 -0.18 24.47 3.88
C GLY C 24 0.92 24.41 2.84
N LEU C 25 1.25 23.20 2.39
CA LEU C 25 2.29 23.02 1.39
C LEU C 25 1.95 23.85 0.15
N GLY C 26 2.81 24.80 -0.17
CA GLY C 26 2.56 25.66 -1.31
C GLY C 26 1.38 26.56 -1.03
N GLY C 27 0.57 26.82 -2.05
CA GLY C 27 -0.60 27.67 -1.88
C GLY C 27 -1.83 26.86 -1.55
N ARG C 28 -1.91 26.37 -0.31
CA ARG C 28 -3.04 25.57 0.13
C ARG C 28 -3.51 26.00 1.51
N ILE C 29 -4.82 26.21 1.65
CA ILE C 29 -5.41 26.62 2.92
C ILE C 29 -5.81 25.39 3.74
N LEU C 30 -5.20 25.25 4.91
CA LEU C 30 -5.51 24.13 5.79
C LEU C 30 -6.76 24.47 6.59
N LYS C 31 -7.49 23.46 7.02
CA LYS C 31 -8.71 23.67 7.79
C LYS C 31 -8.41 24.44 9.08
N GLU C 32 -7.16 24.39 9.53
CA GLU C 32 -6.77 25.10 10.74
C GLU C 32 -6.58 26.58 10.43
N ASP C 33 -6.37 26.89 9.16
CA ASP C 33 -6.20 28.27 8.73
C ASP C 33 -7.56 28.97 8.71
N VAL C 34 -8.59 28.21 8.36
CA VAL C 34 -9.95 28.74 8.29
C VAL C 34 -10.46 29.04 9.70
N MET C 35 -10.36 28.05 10.58
CA MET C 35 -10.81 28.23 11.96
C MET C 35 -9.95 29.28 12.66
N ARG C 36 -8.87 29.68 12.00
CA ARG C 36 -7.96 30.69 12.53
C ARG C 36 -8.56 32.07 12.30
N HIS C 37 -9.34 32.20 11.24
CA HIS C 37 -9.97 33.46 10.89
C HIS C 37 -11.41 33.49 11.42
#